data_5IRL
#
_entry.id   5IRL
#
_cell.length_a   77.900
_cell.length_b   107.845
_cell.length_c   185.365
_cell.angle_alpha   90.00
_cell.angle_beta   90.00
_cell.angle_gamma   90.00
#
_symmetry.space_group_name_H-M   'P 21 21 21'
#
loop_
_entity.id
_entity.type
_entity.pdbx_description
1 polymer 'Uncharacterized protein'
2 non-polymer "ADENOSINE-5'-DIPHOSPHATE"
3 water water
#
_entity_poly.entity_id   1
_entity_poly.type   'polypeptide(L)'
_entity_poly.pdbx_seq_one_letter_code
;GPEFEAAACKKYMSKLRTIVAAQSRFLSTYDGAENLCLEDIYTENTLEVRTEVGMAGPLHKSPAALGLEELFSPNGHLNE
DADTVLVVGEAGSGKSTLLQQVHLLWATGQDFQEFLFVFPFSCRQLQCVARPLSVMTLLFEHCCWPDVGQQDVFQFLLDH
PDRILLTFDGFDEFKFKFTDHERHCSPTDPTSVQTLLFNLLQGNLLKNARKVLTSRPDAVSAFLRKYVRTEFNLKGFSEE
GIELYLRKCHREPGVADRLIHLLQTTSALHGLCHLPVFSWMVSKCHQELLLQDGGSPKTTTDMYLLILQHFLRHASLPDS
ASQGLGPSLLQGRLPTLLRLGQLALWGLGMCCYVFSAQQLQAAQVDPDDISLGFLVQAQGVVPGSTAPLEFLHITFQCFL
AAFYLVLSTDVPTASLRYLFNCRRPGSSPLSRLLPRLCVQGSEHKESTVAALLQKTEPHNLQITAAFLAGLLSREHRDLL
AACQASERSLLRRRACARWCLARSLHKHFRSIPPAVPGEAKSMHAMPGFLWLIRSLYEMQEERLAQEAVRGLNVEHLKLT
FCGVGPAECAALAFVLRHLRRPVALQLDHNSVGDIGVEQLLPCLGACKALYLRDNNISDRGICKLIEHALHCEQLQKLAL
FNNKLTDGCAHSVAQLLACKQNFLALRLGNNHITAEGAQVLAEGLRDNSSLQFLGFWGNKVGDKGAQALAEALSDHQSLK
WLSLVGNNIGSVGAQALASMLEKNVALEELCLAANHLQDAGVCSLAEGLKRNSSLKVLKLSNNCITFVGAEALLQALASN
DTILEVWLRGNPFSPEEMEALSHRDSRLLL
;
_entity_poly.pdbx_strand_id   A
#
loop_
_chem_comp.id
_chem_comp.type
_chem_comp.name
_chem_comp.formula
ADP non-polymer ADENOSINE-5'-DIPHOSPHATE 'C10 H15 N5 O10 P2'
#
# COMPACT_ATOMS: atom_id res chain seq x y z
N GLU A 5 40.78 8.25 31.12
CA GLU A 5 39.33 8.01 31.42
C GLU A 5 38.45 8.93 30.60
N ALA A 6 37.16 8.61 30.57
CA ALA A 6 36.14 9.52 30.06
C ALA A 6 34.92 9.50 30.98
N ALA A 7 34.10 10.54 30.88
CA ALA A 7 32.90 10.69 31.72
C ALA A 7 31.95 9.51 31.52
N ALA A 8 30.90 9.44 32.32
CA ALA A 8 29.90 8.36 32.21
C ALA A 8 29.02 8.49 30.97
N CYS A 9 28.85 9.71 30.49
CA CYS A 9 28.09 9.94 29.26
C CYS A 9 28.85 9.39 28.05
N LYS A 10 29.97 10.01 27.67
CA LYS A 10 30.75 9.48 26.55
C LYS A 10 30.96 7.95 26.63
N LYS A 11 30.98 7.40 27.84
CA LYS A 11 31.14 5.98 28.00
C LYS A 11 29.92 5.18 27.56
N TYR A 12 28.75 5.69 27.93
CA TYR A 12 27.48 5.05 27.59
C TYR A 12 27.24 5.19 26.10
N MET A 13 27.28 6.42 25.60
CA MET A 13 27.28 6.68 24.16
C MET A 13 27.96 5.54 23.40
N SER A 14 29.19 5.26 23.78
CA SER A 14 30.00 4.31 23.05
C SER A 14 29.62 2.85 23.32
N LYS A 15 29.09 2.56 24.50
CA LYS A 15 28.57 1.22 24.79
C LYS A 15 27.33 0.96 23.93
N LEU A 16 26.42 1.94 23.95
CA LEU A 16 25.19 1.90 23.20
C LEU A 16 25.47 1.67 21.71
N ARG A 17 26.29 2.51 21.10
CA ARG A 17 26.65 2.29 19.70
C ARG A 17 27.11 0.85 19.52
N THR A 18 27.97 0.35 20.40
CA THR A 18 28.49 -1.01 20.25
C THR A 18 27.39 -2.06 20.28
N ILE A 19 26.53 -1.94 21.28
CA ILE A 19 25.51 -2.93 21.53
C ILE A 19 24.48 -2.87 20.41
N VAL A 20 24.02 -1.67 20.07
CA VAL A 20 23.05 -1.48 18.97
C VAL A 20 23.61 -2.03 17.64
N ALA A 21 24.69 -1.43 17.16
CA ALA A 21 25.35 -1.94 15.97
C ALA A 21 25.52 -3.45 16.01
N ALA A 22 25.92 -3.99 17.15
CA ALA A 22 26.10 -5.42 17.29
C ALA A 22 24.81 -6.20 17.04
N GLN A 23 23.67 -5.71 17.55
CA GLN A 23 22.35 -6.33 17.28
C GLN A 23 21.84 -6.03 15.85
N SER A 24 21.91 -4.76 15.44
CA SER A 24 21.47 -4.28 14.11
C SER A 24 22.17 -4.93 12.93
N ARG A 25 23.40 -5.39 13.13
CA ARG A 25 24.27 -5.82 12.03
C ARG A 25 23.75 -7.01 11.25
N PHE A 26 23.25 -8.01 11.96
CA PHE A 26 22.98 -9.32 11.35
C PHE A 26 21.50 -9.64 11.32
N LEU A 27 21.08 -10.34 10.26
CA LEU A 27 19.72 -10.89 10.12
C LEU A 27 19.73 -12.39 10.42
N ASN A 35 26.62 -14.82 9.04
CA ASN A 35 26.74 -15.32 7.68
C ASN A 35 26.17 -14.33 6.66
N LEU A 36 25.11 -13.62 7.05
CA LEU A 36 24.51 -12.52 6.26
C LEU A 36 24.80 -11.14 6.88
N CYS A 37 24.58 -10.08 6.11
CA CYS A 37 24.83 -8.72 6.58
C CYS A 37 23.74 -7.77 6.15
N LEU A 38 22.95 -7.27 7.10
CA LEU A 38 21.91 -6.28 6.78
C LEU A 38 22.40 -5.16 5.85
N GLU A 39 23.66 -4.75 5.92
CA GLU A 39 24.10 -3.60 5.12
C GLU A 39 24.22 -3.93 3.63
N ASP A 40 24.64 -5.16 3.33
CA ASP A 40 24.64 -5.68 1.95
C ASP A 40 23.22 -5.98 1.43
N ILE A 41 22.31 -6.34 2.33
CA ILE A 41 21.00 -6.91 1.99
C ILE A 41 19.88 -5.88 1.95
N TYR A 42 19.89 -4.89 2.84
CA TYR A 42 18.78 -3.92 2.88
C TYR A 42 18.57 -3.40 1.47
N THR A 43 17.31 -3.14 1.14
CA THR A 43 16.92 -2.80 -0.22
C THR A 43 15.88 -1.70 -0.15
N GLU A 44 15.93 -0.73 -1.06
CA GLU A 44 15.05 0.42 -0.87
C GLU A 44 13.64 -0.09 -0.75
N ASN A 45 12.92 0.45 0.23
CA ASN A 45 11.54 0.16 0.49
C ASN A 45 10.84 1.52 0.67
N THR A 46 10.36 2.04 -0.45
CA THR A 46 9.51 3.23 -0.57
C THR A 46 8.71 3.65 0.67
N LEU A 47 8.79 4.94 1.00
CA LEU A 47 8.18 5.52 2.19
C LEU A 47 7.30 6.77 1.86
N GLU A 48 5.98 6.71 2.09
CA GLU A 48 5.02 7.72 1.57
C GLU A 48 3.98 8.20 2.60
N VAL A 49 3.32 9.34 2.34
CA VAL A 49 2.81 10.23 3.42
C VAL A 49 1.28 10.50 3.65
N ARG A 50 0.65 11.30 2.79
CA ARG A 50 -0.66 11.96 3.09
C ARG A 50 -1.92 11.43 2.30
N THR A 51 -3.05 11.15 2.98
CA THR A 51 -3.30 11.35 4.44
C THR A 51 -3.06 12.80 4.96
N ALA A 64 7.03 13.84 -5.32
CA ALA A 64 8.01 12.80 -5.02
C ALA A 64 7.47 11.73 -4.05
N ALA A 65 8.37 10.85 -3.62
CA ALA A 65 8.13 9.93 -2.50
C ALA A 65 9.50 9.63 -1.87
N LEU A 66 9.58 9.74 -0.54
CA LEU A 66 10.87 9.91 0.19
C LEU A 66 11.60 8.61 0.56
N GLY A 67 12.93 8.65 0.55
CA GLY A 67 13.77 7.53 0.97
C GLY A 67 13.91 7.47 2.50
N LEU A 68 14.52 6.39 2.99
CA LEU A 68 14.70 6.19 4.44
C LEU A 68 15.54 7.28 5.08
N GLU A 69 16.55 7.73 4.34
CA GLU A 69 17.49 8.72 4.86
C GLU A 69 16.73 10.02 5.21
N GLU A 70 15.65 10.30 4.48
CA GLU A 70 14.79 11.48 4.71
C GLU A 70 13.71 11.25 5.77
N LEU A 71 13.98 10.45 6.77
CA LEU A 71 12.90 10.00 7.66
C LEU A 71 12.39 11.10 8.58
N PHE A 72 13.23 12.10 8.88
CA PHE A 72 12.92 13.01 9.99
C PHE A 72 12.57 14.45 9.58
N SER A 73 13.06 14.89 8.41
CA SER A 73 13.07 16.30 8.00
C SER A 73 13.94 17.15 8.95
N ASP A 81 5.91 20.83 17.08
CA ASP A 81 5.34 20.24 18.30
C ASP A 81 4.77 18.86 18.00
N ALA A 82 4.82 17.98 19.00
CA ALA A 82 4.56 16.54 18.85
C ALA A 82 5.73 15.91 18.10
N ASP A 83 6.48 15.06 18.80
CA ASP A 83 7.80 14.63 18.34
C ASP A 83 7.89 13.18 17.89
N THR A 84 6.74 12.51 17.78
CA THR A 84 6.72 11.08 17.41
C THR A 84 6.27 10.75 15.96
N VAL A 85 7.19 10.15 15.20
CA VAL A 85 6.97 9.71 13.82
C VAL A 85 6.48 8.26 13.76
N LEU A 86 5.55 8.03 12.84
CA LEU A 86 4.81 6.79 12.76
C LEU A 86 5.04 6.13 11.40
N VAL A 87 5.31 4.83 11.40
CA VAL A 87 5.55 4.10 10.15
C VAL A 87 4.61 2.93 10.13
N VAL A 88 3.73 2.90 9.14
CA VAL A 88 2.62 1.96 9.13
C VAL A 88 2.56 1.18 7.83
N GLY A 89 2.25 -0.10 7.96
CA GLY A 89 2.25 -0.99 6.84
C GLY A 89 1.82 -2.37 7.27
N GLU A 90 1.50 -3.21 6.27
CA GLU A 90 0.93 -4.52 6.51
C GLU A 90 1.95 -5.47 7.11
N ALA A 91 1.47 -6.57 7.68
CA ALA A 91 2.39 -7.57 8.18
C ALA A 91 3.31 -7.98 7.04
N GLY A 92 4.62 -7.85 7.24
CA GLY A 92 5.57 -8.32 6.24
C GLY A 92 6.01 -7.27 5.24
N SER A 93 5.62 -6.01 5.47
CA SER A 93 6.03 -4.92 4.57
C SER A 93 7.42 -4.38 4.83
N GLY A 94 8.08 -4.90 5.87
CA GLY A 94 9.46 -4.51 6.20
C GLY A 94 9.61 -3.43 7.25
N LYS A 95 8.64 -3.31 8.15
CA LYS A 95 8.68 -2.30 9.20
C LYS A 95 9.77 -2.61 10.23
N SER A 96 9.87 -3.87 10.68
CA SER A 96 10.88 -4.27 11.68
C SER A 96 12.25 -4.04 11.12
N THR A 97 12.40 -4.41 9.85
CA THR A 97 13.67 -4.33 9.18
C THR A 97 14.03 -2.90 8.90
N LEU A 98 13.04 -2.03 8.87
CA LEU A 98 13.31 -0.63 8.61
C LEU A 98 13.97 0.02 9.83
N LEU A 99 13.33 -0.14 10.99
CA LEU A 99 13.97 0.27 12.24
C LEU A 99 15.36 -0.34 12.33
N GLN A 100 15.47 -1.63 12.06
CA GLN A 100 16.77 -2.24 12.20
C GLN A 100 17.85 -1.53 11.36
N GLN A 101 17.49 -1.03 10.19
CA GLN A 101 18.46 -0.29 9.40
C GLN A 101 18.71 1.09 10.02
N VAL A 102 17.67 1.75 10.53
CA VAL A 102 17.86 3.04 11.17
C VAL A 102 18.91 2.93 12.29
N HIS A 103 18.72 1.90 13.12
CA HIS A 103 19.64 1.59 14.20
C HIS A 103 21.05 1.33 13.70
N LEU A 104 21.20 0.45 12.73
CA LEU A 104 22.51 0.19 12.15
C LEU A 104 23.15 1.47 11.62
N LEU A 105 22.39 2.24 10.85
CA LEU A 105 22.92 3.47 10.25
C LEU A 105 23.40 4.50 11.28
N TRP A 106 22.65 4.59 12.38
CA TRP A 106 23.04 5.48 13.47
C TRP A 106 24.29 4.94 14.18
N ALA A 107 24.22 3.70 14.63
CA ALA A 107 25.26 3.12 15.47
C ALA A 107 26.60 3.02 14.79
N THR A 108 26.66 3.30 13.49
CA THR A 108 27.90 3.21 12.73
C THR A 108 28.32 4.53 12.13
N GLY A 109 27.60 5.61 12.40
CA GLY A 109 28.03 6.93 11.99
C GLY A 109 27.39 7.45 10.73
N GLN A 110 26.91 6.54 9.87
CA GLN A 110 26.50 6.88 8.49
C GLN A 110 25.33 7.85 8.36
N ASP A 111 24.26 7.64 9.11
CA ASP A 111 23.14 8.58 9.09
C ASP A 111 22.60 8.81 10.49
N PHE A 112 21.73 9.81 10.65
CA PHE A 112 20.99 10.05 11.91
C PHE A 112 21.90 10.42 13.06
N GLN A 113 22.99 11.12 12.73
CA GLN A 113 24.02 11.47 13.71
C GLN A 113 23.64 12.59 14.68
N GLU A 114 22.55 13.30 14.41
CA GLU A 114 22.02 14.30 15.33
C GLU A 114 21.65 13.73 16.70
N PHE A 115 21.42 12.43 16.78
CA PHE A 115 21.04 11.82 18.05
C PHE A 115 22.25 11.23 18.75
N LEU A 116 22.42 11.56 20.02
CA LEU A 116 23.55 11.04 20.81
C LEU A 116 23.25 9.62 21.28
N PHE A 117 21.98 9.40 21.62
CA PHE A 117 21.49 8.12 22.11
C PHE A 117 20.29 7.66 21.29
N VAL A 118 20.27 6.37 20.95
CA VAL A 118 19.12 5.76 20.31
C VAL A 118 18.73 4.52 21.09
N PHE A 119 17.46 4.44 21.48
CA PHE A 119 16.98 3.39 22.34
C PHE A 119 15.99 2.46 21.64
N PRO A 120 16.48 1.31 21.14
CA PRO A 120 15.56 0.37 20.51
C PRO A 120 14.72 -0.43 21.49
N PHE A 121 13.40 -0.45 21.29
CA PHE A 121 12.50 -1.31 22.07
C PHE A 121 11.62 -2.15 21.16
N SER A 122 11.29 -3.35 21.65
CA SER A 122 10.33 -4.25 21.03
C SER A 122 9.04 -4.42 21.88
N CYS A 123 7.94 -3.80 21.43
CA CYS A 123 6.67 -3.83 22.15
C CYS A 123 6.21 -5.21 22.57
N ARG A 124 6.41 -6.22 21.73
CA ARG A 124 6.00 -7.57 22.14
C ARG A 124 6.74 -8.04 23.41
N GLN A 125 7.92 -7.48 23.67
CA GLN A 125 8.71 -7.83 24.85
C GLN A 125 8.37 -6.97 26.04
N LEU A 126 7.89 -5.76 25.80
CA LEU A 126 7.46 -4.92 26.90
C LEU A 126 6.11 -5.37 27.45
N GLN A 127 5.18 -5.79 26.60
CA GLN A 127 3.92 -6.36 27.09
C GLN A 127 4.15 -7.44 28.14
N CYS A 128 5.25 -8.18 28.00
CA CYS A 128 5.62 -9.18 28.99
C CYS A 128 6.20 -8.65 30.33
N VAL A 129 6.29 -7.34 30.53
CA VAL A 129 6.74 -6.87 31.83
C VAL A 129 5.57 -6.34 32.67
N ALA A 130 5.26 -7.10 33.73
CA ALA A 130 4.24 -6.72 34.71
C ALA A 130 4.83 -5.68 35.67
N ARG A 131 5.86 -6.09 36.41
CA ARG A 131 6.58 -5.23 37.37
C ARG A 131 6.50 -3.76 36.91
N PRO A 132 5.89 -2.87 37.70
CA PRO A 132 5.84 -1.48 37.23
C PRO A 132 7.24 -0.91 37.06
N LEU A 133 7.36 0.14 36.24
CA LEU A 133 8.66 0.68 35.84
C LEU A 133 8.74 2.18 35.89
N SER A 134 9.93 2.66 36.22
CA SER A 134 10.30 4.06 36.00
C SER A 134 10.89 4.14 34.62
N VAL A 135 11.03 5.35 34.08
CA VAL A 135 11.79 5.54 32.84
C VAL A 135 13.23 5.02 32.98
N MET A 136 13.86 5.25 34.13
CA MET A 136 15.22 4.78 34.36
C MET A 136 15.27 3.28 34.18
N THR A 137 14.51 2.56 34.98
CA THR A 137 14.57 1.11 34.93
C THR A 137 14.30 0.61 33.49
N LEU A 138 13.49 1.36 32.75
CA LEU A 138 13.21 1.04 31.31
C LEU A 138 14.47 1.14 30.45
N LEU A 139 14.97 2.36 30.28
CA LEU A 139 16.17 2.59 29.47
C LEU A 139 17.37 1.73 29.89
N PHE A 140 17.52 1.45 31.19
CA PHE A 140 18.75 0.82 31.69
C PHE A 140 18.66 -0.69 31.88
N GLU A 141 17.61 -1.18 32.54
CA GLU A 141 17.47 -2.63 32.77
C GLU A 141 17.01 -3.29 31.47
N HIS A 142 15.99 -2.69 30.84
CA HIS A 142 15.38 -3.21 29.60
C HIS A 142 15.83 -2.51 28.31
N CYS A 143 17.13 -2.29 28.14
CA CYS A 143 17.68 -1.81 26.86
C CYS A 143 19.19 -1.80 26.91
N CYS A 144 19.79 -0.98 27.77
CA CYS A 144 21.24 -0.96 27.94
C CYS A 144 21.69 -0.48 29.32
N TRP A 145 22.43 -1.33 30.05
CA TRP A 145 23.02 -0.94 31.33
C TRP A 145 24.34 -0.15 31.18
N PRO A 146 24.38 1.11 31.68
CA PRO A 146 25.68 1.80 31.67
C PRO A 146 26.62 1.12 32.67
N ASP A 147 27.88 0.94 32.30
CA ASP A 147 28.84 0.29 33.20
C ASP A 147 29.08 1.11 34.51
N VAL A 148 29.00 2.43 34.42
CA VAL A 148 29.38 3.35 35.49
C VAL A 148 28.56 4.66 35.40
N GLY A 149 28.22 5.25 36.53
CA GLY A 149 27.59 6.57 36.56
C GLY A 149 26.09 6.58 36.34
N GLN A 150 25.47 5.40 36.42
CA GLN A 150 24.01 5.24 36.22
C GLN A 150 23.27 6.53 36.54
N GLN A 151 23.45 7.01 37.76
CA GLN A 151 22.72 8.18 38.24
C GLN A 151 23.04 9.43 37.43
N ASP A 152 24.32 9.66 37.20
CA ASP A 152 24.79 10.84 36.47
C ASP A 152 24.32 10.83 35.03
N VAL A 153 24.33 9.64 34.43
CA VAL A 153 23.98 9.44 33.03
C VAL A 153 22.51 9.82 32.80
N PHE A 154 21.62 9.11 33.48
CA PHE A 154 20.18 9.39 33.44
C PHE A 154 19.93 10.90 33.50
N GLN A 155 20.66 11.58 34.37
CA GLN A 155 20.53 13.01 34.51
C GLN A 155 20.80 13.71 33.18
N PHE A 156 21.89 13.35 32.52
CA PHE A 156 22.23 13.94 31.24
C PHE A 156 21.09 13.78 30.22
N LEU A 157 20.48 12.59 30.21
CA LEU A 157 19.37 12.29 29.31
C LEU A 157 18.22 13.23 29.57
N LEU A 158 17.79 13.32 30.82
CA LEU A 158 16.74 14.26 31.20
C LEU A 158 17.09 15.69 30.79
N ASP A 159 18.36 16.04 30.94
CA ASP A 159 18.82 17.38 30.64
C ASP A 159 18.89 17.69 29.14
N HIS A 160 19.17 16.68 28.34
CA HIS A 160 19.32 16.86 26.89
C HIS A 160 18.48 15.83 26.14
N PRO A 161 17.14 15.97 26.22
CA PRO A 161 16.25 15.00 25.57
C PRO A 161 16.23 15.13 24.04
N ASP A 162 16.39 16.35 23.52
CA ASP A 162 16.45 16.62 22.07
C ASP A 162 17.55 15.86 21.31
N ARG A 163 18.45 15.19 22.03
CA ARG A 163 19.50 14.37 21.43
C ARG A 163 19.25 12.87 21.67
N ILE A 164 17.99 12.54 21.95
CA ILE A 164 17.54 11.15 22.16
C ILE A 164 16.55 10.72 21.06
N LEU A 165 16.63 9.46 20.67
CA LEU A 165 15.61 8.81 19.87
C LEU A 165 15.17 7.53 20.56
N LEU A 166 13.86 7.28 20.59
CA LEU A 166 13.36 5.97 21.00
C LEU A 166 12.58 5.32 19.86
N THR A 167 12.82 4.04 19.60
CA THR A 167 12.07 3.36 18.58
C THR A 167 11.24 2.29 19.24
N PHE A 168 10.01 2.13 18.77
CA PHE A 168 9.10 1.13 19.33
C PHE A 168 8.48 0.30 18.23
N ASP A 169 8.89 -0.98 18.18
CA ASP A 169 8.58 -1.84 17.06
C ASP A 169 7.39 -2.71 17.33
N GLY A 170 6.39 -2.58 16.47
CA GLY A 170 5.22 -3.44 16.54
C GLY A 170 4.31 -3.01 17.65
N PHE A 171 3.91 -1.73 17.59
CA PHE A 171 3.07 -1.11 18.61
C PHE A 171 1.73 -1.83 18.74
N ASP A 172 1.21 -2.31 17.62
CA ASP A 172 -0.02 -3.08 17.63
C ASP A 172 0.02 -4.22 18.65
N GLU A 173 1.21 -4.70 19.01
CA GLU A 173 1.32 -5.82 19.92
C GLU A 173 1.39 -5.43 21.41
N PHE A 174 0.97 -4.20 21.71
CA PHE A 174 0.60 -3.79 23.05
C PHE A 174 -0.91 -3.96 23.32
N LYS A 175 -1.29 -3.82 24.58
CA LYS A 175 -2.68 -3.79 24.99
C LYS A 175 -2.84 -2.58 25.91
N PHE A 176 -3.48 -1.55 25.38
CA PHE A 176 -3.79 -0.32 26.11
C PHE A 176 -5.16 -0.40 26.78
N LYS A 177 -5.22 -0.22 28.09
CA LYS A 177 -6.45 -0.46 28.86
C LYS A 177 -7.08 0.82 29.47
N PHE A 178 -8.22 0.65 30.15
CA PHE A 178 -8.98 1.75 30.78
C PHE A 178 -8.29 2.41 31.99
N THR A 179 -7.29 1.76 32.58
CA THR A 179 -6.50 2.32 33.68
C THR A 179 -5.02 2.53 33.30
N ASP A 180 -4.78 3.05 32.09
CA ASP A 180 -3.44 3.43 31.61
C ASP A 180 -3.38 4.85 30.97
N HIS A 181 -4.50 5.59 31.02
CA HIS A 181 -4.62 6.93 30.39
C HIS A 181 -4.17 8.10 31.30
N GLU A 182 -3.91 7.83 32.58
CA GLU A 182 -3.59 8.92 33.51
C GLU A 182 -2.33 9.67 33.08
N ARG A 183 -2.20 10.92 33.52
CA ARG A 183 -0.95 11.65 33.42
C ARG A 183 0.10 11.04 34.38
N HIS A 184 1.36 11.37 34.12
CA HIS A 184 2.51 10.86 34.89
C HIS A 184 3.76 11.50 34.30
N CYS A 185 4.37 12.44 35.02
CA CYS A 185 5.54 13.17 34.51
C CYS A 185 6.86 12.80 35.17
N SER A 186 6.81 11.95 36.19
CA SER A 186 8.00 11.58 36.94
C SER A 186 8.81 10.46 36.26
N PRO A 187 10.03 10.80 35.82
CA PRO A 187 11.00 9.80 35.38
C PRO A 187 11.37 8.73 36.41
N THR A 188 11.43 9.10 37.69
CA THR A 188 11.89 8.16 38.71
C THR A 188 10.77 7.29 39.28
N ASP A 189 9.53 7.81 39.26
CA ASP A 189 8.33 7.10 39.78
C ASP A 189 7.96 5.87 38.98
N PRO A 190 7.97 4.68 39.62
CA PRO A 190 7.38 3.52 38.97
C PRO A 190 5.92 3.75 38.52
N THR A 191 5.44 2.85 37.67
CA THR A 191 4.10 2.89 37.05
C THR A 191 4.08 1.70 36.11
N SER A 192 2.98 1.49 35.39
CA SER A 192 2.90 0.41 34.41
C SER A 192 3.65 0.78 33.14
N VAL A 193 3.88 -0.24 32.31
CA VAL A 193 4.69 -0.08 31.12
C VAL A 193 4.01 0.80 30.07
N GLN A 194 2.70 0.60 29.94
CA GLN A 194 1.90 1.24 28.91
C GLN A 194 1.65 2.69 29.27
N THR A 195 1.59 2.97 30.57
CA THR A 195 1.44 4.34 31.08
C THR A 195 2.67 5.16 30.69
N LEU A 196 3.83 4.52 30.72
CA LEU A 196 5.06 5.18 30.29
C LEU A 196 4.96 5.63 28.85
N LEU A 197 4.58 4.71 27.98
CA LEU A 197 4.44 5.05 26.58
C LEU A 197 3.43 6.15 26.32
N PHE A 198 2.19 5.92 26.75
CA PHE A 198 1.14 6.93 26.62
C PHE A 198 1.75 8.31 26.91
N ASN A 199 2.47 8.40 28.03
CA ASN A 199 3.01 9.69 28.49
C ASN A 199 4.22 10.15 27.69
N LEU A 200 5.07 9.20 27.30
CA LEU A 200 6.21 9.48 26.43
C LEU A 200 5.81 10.20 25.14
N LEU A 201 4.67 9.78 24.58
CA LEU A 201 4.22 10.21 23.25
C LEU A 201 3.56 11.56 23.28
N GLN A 202 2.78 11.79 24.33
CA GLN A 202 2.19 13.10 24.61
C GLN A 202 3.27 14.20 24.69
N GLY A 203 4.43 13.88 25.26
CA GLY A 203 5.47 14.85 25.54
C GLY A 203 5.65 15.10 27.04
N ASN A 204 4.94 14.34 27.87
CA ASN A 204 5.02 14.46 29.32
C ASN A 204 6.34 13.93 29.87
N LEU A 205 6.85 12.85 29.28
CA LEU A 205 8.19 12.32 29.57
C LEU A 205 9.11 12.62 28.40
N LEU A 206 10.34 12.96 28.71
CA LEU A 206 11.35 13.28 27.72
C LEU A 206 10.84 14.22 26.61
N LYS A 207 10.22 15.34 27.01
CA LYS A 207 9.67 16.34 26.06
C LYS A 207 10.76 16.78 25.07
N ASN A 208 10.41 16.74 23.78
CA ASN A 208 11.32 17.08 22.66
C ASN A 208 12.29 15.98 22.21
N ALA A 209 12.27 14.83 22.89
CA ALA A 209 12.98 13.63 22.40
C ALA A 209 12.18 13.07 21.25
N ARG A 210 12.88 12.53 20.25
CA ARG A 210 12.18 11.94 19.11
C ARG A 210 11.80 10.49 19.37
N LYS A 211 10.68 10.09 18.78
CA LYS A 211 10.23 8.71 18.83
C LYS A 211 9.85 8.26 17.44
N VAL A 212 10.04 6.98 17.17
CA VAL A 212 9.57 6.37 15.94
C VAL A 212 8.77 5.15 16.33
N LEU A 213 7.56 5.05 15.79
CA LEU A 213 6.72 3.87 15.99
C LEU A 213 6.51 3.16 14.66
N THR A 214 6.51 1.82 14.70
CA THR A 214 6.01 1.03 13.59
C THR A 214 4.77 0.35 14.10
N SER A 215 3.71 0.32 13.29
CA SER A 215 2.52 -0.50 13.57
C SER A 215 1.82 -1.04 12.32
N ARG A 216 0.91 -1.98 12.54
CA ARG A 216 -0.07 -2.38 11.51
C ARG A 216 -1.10 -1.25 11.45
N PRO A 217 -1.92 -1.22 10.39
CA PRO A 217 -2.82 -0.07 10.27
C PRO A 217 -3.96 -0.05 11.29
N ASP A 218 -4.31 -1.20 11.86
CA ASP A 218 -5.44 -1.27 12.79
C ASP A 218 -5.24 -0.53 14.11
N ALA A 219 -4.09 -0.71 14.74
CA ALA A 219 -3.87 -0.16 16.08
C ALA A 219 -3.56 1.35 16.13
N VAL A 220 -3.53 2.01 14.95
CA VAL A 220 -3.42 3.48 14.90
C VAL A 220 -4.80 4.13 14.99
N SER A 221 -5.23 4.45 16.21
CA SER A 221 -6.44 5.23 16.46
C SER A 221 -6.07 6.73 16.53
N ALA A 222 -7.07 7.60 16.41
CA ALA A 222 -6.82 9.06 16.43
C ALA A 222 -6.47 9.60 17.84
N PHE A 223 -6.68 8.80 18.89
CA PHE A 223 -6.20 9.13 20.26
C PHE A 223 -4.68 9.33 20.25
N LEU A 224 -3.97 8.33 19.74
CA LEU A 224 -2.53 8.42 19.46
C LEU A 224 -2.19 9.53 18.45
N ARG A 225 -2.83 9.44 17.29
CA ARG A 225 -2.57 10.30 16.12
C ARG A 225 -2.52 11.80 16.37
N LYS A 226 -3.16 12.26 17.44
CA LYS A 226 -3.09 13.67 17.84
C LYS A 226 -1.64 14.09 17.97
N TYR A 227 -0.84 13.25 18.62
CA TYR A 227 0.56 13.58 18.90
C TYR A 227 1.51 12.82 17.97
N VAL A 228 1.37 13.00 16.65
CA VAL A 228 2.34 12.46 15.69
C VAL A 228 2.83 13.53 14.72
N ARG A 229 4.15 13.69 14.66
CA ARG A 229 4.77 14.68 13.80
C ARG A 229 4.30 14.46 12.38
N THR A 230 4.60 13.28 11.85
CA THR A 230 4.15 12.85 10.52
C THR A 230 3.90 11.35 10.60
N GLU A 231 3.19 10.84 9.58
CA GLU A 231 2.80 9.42 9.50
C GLU A 231 3.17 8.89 8.13
N PHE A 232 4.11 7.96 8.12
CA PHE A 232 4.54 7.37 6.88
C PHE A 232 3.85 6.04 6.64
N ASN A 233 3.80 5.64 5.37
CA ASN A 233 3.22 4.36 4.96
C ASN A 233 4.21 3.56 4.14
N LEU A 234 4.39 2.29 4.53
CA LEU A 234 5.43 1.46 4.00
C LEU A 234 4.78 0.42 3.11
N LYS A 235 4.98 0.54 1.81
CA LYS A 235 4.17 -0.21 0.85
C LYS A 235 4.79 -1.55 0.52
N GLY A 236 6.06 -1.54 0.18
CA GLY A 236 6.80 -2.75 -0.14
C GLY A 236 7.76 -2.41 -1.23
N PHE A 237 8.41 -3.43 -1.80
CA PHE A 237 9.29 -3.24 -2.94
C PHE A 237 8.50 -2.88 -4.18
N SER A 238 9.09 -2.02 -5.00
CA SER A 238 8.67 -1.80 -6.34
C SER A 238 9.25 -2.96 -7.14
N GLU A 239 8.87 -3.02 -8.40
CA GLU A 239 9.29 -4.11 -9.27
C GLU A 239 10.80 -4.16 -9.39
N GLU A 240 11.47 -3.00 -9.36
CA GLU A 240 12.95 -2.96 -9.47
C GLU A 240 13.62 -3.05 -8.11
N GLY A 241 12.86 -2.77 -7.06
CA GLY A 241 13.28 -3.20 -5.73
C GLY A 241 13.54 -4.70 -5.76
N ILE A 242 12.53 -5.47 -6.14
CA ILE A 242 12.63 -6.93 -6.13
C ILE A 242 13.84 -7.36 -6.91
N GLU A 243 14.09 -6.68 -8.01
CA GLU A 243 15.18 -7.07 -8.88
C GLU A 243 16.45 -6.85 -8.10
N LEU A 244 16.59 -5.68 -7.52
CA LEU A 244 17.74 -5.39 -6.65
C LEU A 244 17.94 -6.43 -5.56
N TYR A 245 16.92 -6.56 -4.72
CA TYR A 245 16.95 -7.48 -3.59
C TYR A 245 17.57 -8.80 -4.03
N LEU A 246 16.95 -9.45 -5.01
CA LEU A 246 17.42 -10.72 -5.53
C LEU A 246 18.89 -10.66 -5.98
N ARG A 247 19.29 -9.56 -6.58
CA ARG A 247 20.69 -9.42 -6.97
C ARG A 247 21.59 -9.45 -5.74
N LYS A 248 21.26 -8.64 -4.74
CA LYS A 248 22.03 -8.57 -3.50
C LYS A 248 22.15 -9.93 -2.78
N CYS A 249 21.11 -10.74 -2.80
CA CYS A 249 21.12 -11.99 -2.05
C CYS A 249 21.84 -13.11 -2.78
N HIS A 250 21.74 -13.12 -4.10
CA HIS A 250 22.31 -14.21 -4.89
C HIS A 250 23.49 -13.75 -5.73
N ARG A 251 24.65 -14.28 -5.38
CA ARG A 251 25.92 -13.81 -5.90
C ARG A 251 26.44 -14.81 -6.92
N GLU A 252 26.10 -16.08 -6.73
CA GLU A 252 26.39 -17.13 -7.70
C GLU A 252 26.09 -16.61 -9.10
N PRO A 253 26.92 -17.00 -10.08
CA PRO A 253 26.84 -16.32 -11.39
C PRO A 253 25.44 -16.43 -12.03
N GLY A 254 24.89 -15.29 -12.43
CA GLY A 254 23.56 -15.18 -13.06
C GLY A 254 22.44 -16.07 -12.52
N VAL A 255 22.27 -16.08 -11.19
CA VAL A 255 21.16 -16.77 -10.56
C VAL A 255 20.06 -15.76 -10.34
N ALA A 256 20.43 -14.59 -9.84
CA ALA A 256 19.50 -13.49 -9.78
C ALA A 256 18.74 -13.33 -11.12
N ASP A 257 19.45 -13.48 -12.24
CA ASP A 257 18.83 -13.36 -13.57
C ASP A 257 17.77 -14.42 -13.81
N ARG A 258 18.10 -15.64 -13.42
CA ARG A 258 17.24 -16.77 -13.65
C ARG A 258 16.03 -16.77 -12.71
N LEU A 259 16.12 -16.10 -11.55
CA LEU A 259 14.95 -15.94 -10.67
C LEU A 259 14.08 -14.82 -11.21
N ILE A 260 14.73 -13.75 -11.67
CA ILE A 260 14.00 -12.65 -12.25
C ILE A 260 13.30 -13.10 -13.53
N HIS A 261 13.80 -14.19 -14.10
CA HIS A 261 13.14 -14.80 -15.22
C HIS A 261 11.91 -15.53 -14.76
N LEU A 262 12.08 -16.39 -13.76
CA LEU A 262 10.98 -17.12 -13.18
C LEU A 262 9.83 -16.19 -12.84
N LEU A 263 10.15 -15.06 -12.20
CA LEU A 263 9.11 -14.12 -11.79
C LEU A 263 8.45 -13.50 -13.02
N GLN A 264 9.26 -13.07 -13.98
CA GLN A 264 8.73 -12.47 -15.17
C GLN A 264 7.93 -13.45 -16.05
N THR A 265 7.97 -14.74 -15.73
CA THR A 265 7.13 -15.70 -16.44
C THR A 265 5.98 -16.19 -15.55
N THR A 266 5.77 -15.58 -14.39
CA THR A 266 4.85 -16.13 -13.39
C THR A 266 4.20 -15.00 -12.63
N SER A 267 3.22 -14.36 -13.24
CA SER A 267 2.63 -13.15 -12.68
C SER A 267 2.32 -13.26 -11.18
N ALA A 268 1.72 -14.37 -10.74
CA ALA A 268 1.31 -14.50 -9.34
C ALA A 268 2.48 -14.50 -8.34
N LEU A 269 3.50 -15.27 -8.63
CA LEU A 269 4.65 -15.34 -7.77
C LEU A 269 5.33 -13.97 -7.70
N HIS A 270 5.43 -13.30 -8.84
CA HIS A 270 6.00 -11.96 -8.93
C HIS A 270 5.15 -11.01 -8.11
N GLY A 271 3.83 -11.21 -8.20
CA GLY A 271 2.89 -10.41 -7.47
C GLY A 271 3.26 -10.36 -6.00
N LEU A 272 3.41 -11.54 -5.41
CA LEU A 272 3.64 -11.69 -3.97
C LEU A 272 4.91 -11.03 -3.48
N CYS A 273 5.98 -11.21 -4.27
CA CYS A 273 7.26 -10.59 -4.00
C CYS A 273 7.29 -9.08 -3.89
N HIS A 274 6.21 -8.37 -4.14
CA HIS A 274 6.24 -6.93 -3.89
C HIS A 274 6.32 -6.69 -2.38
N LEU A 275 5.97 -7.72 -1.61
CA LEU A 275 6.00 -7.66 -0.16
C LEU A 275 7.23 -8.42 0.31
N PRO A 276 8.16 -7.74 0.99
CA PRO A 276 9.47 -8.33 1.15
C PRO A 276 9.48 -9.71 1.78
N VAL A 277 8.56 -9.98 2.69
CA VAL A 277 8.57 -11.29 3.31
C VAL A 277 8.43 -12.40 2.28
N PHE A 278 7.73 -12.12 1.18
CA PHE A 278 7.68 -13.06 0.05
C PHE A 278 8.98 -13.07 -0.78
N SER A 279 9.52 -11.89 -1.07
CA SER A 279 10.78 -11.86 -1.78
C SER A 279 11.81 -12.68 -1.00
N TRP A 280 11.74 -12.58 0.32
CA TRP A 280 12.61 -13.35 1.18
C TRP A 280 12.38 -14.86 0.99
N MET A 281 11.13 -15.28 1.14
CA MET A 281 10.74 -16.67 0.89
C MET A 281 11.15 -17.20 -0.48
N VAL A 282 10.93 -16.39 -1.51
CA VAL A 282 11.29 -16.83 -2.84
C VAL A 282 12.77 -17.11 -2.85
N SER A 283 13.54 -16.08 -2.48
CA SER A 283 15.00 -16.17 -2.43
C SER A 283 15.42 -17.34 -1.56
N LYS A 284 14.75 -17.50 -0.43
CA LYS A 284 15.06 -18.59 0.49
C LYS A 284 14.84 -19.97 -0.12
N CYS A 285 13.85 -20.11 -1.02
CA CYS A 285 13.63 -21.36 -1.74
C CYS A 285 14.07 -21.32 -3.20
N HIS A 286 15.04 -20.51 -3.56
CA HIS A 286 15.43 -20.39 -4.98
C HIS A 286 15.64 -21.74 -5.69
N GLN A 287 16.27 -22.66 -4.98
CA GLN A 287 16.76 -23.90 -5.58
C GLN A 287 15.66 -24.85 -5.98
N GLU A 288 14.62 -24.95 -5.16
CA GLU A 288 13.46 -25.82 -5.48
C GLU A 288 12.51 -25.14 -6.47
N LEU A 289 12.42 -23.81 -6.40
CA LEU A 289 11.67 -23.04 -7.38
C LEU A 289 12.24 -23.15 -8.78
N LEU A 290 13.55 -23.29 -8.88
CA LEU A 290 14.21 -23.32 -10.19
C LEU A 290 14.24 -24.73 -10.77
N LEU A 291 14.13 -25.75 -9.93
CA LEU A 291 13.99 -27.11 -10.38
C LEU A 291 12.70 -27.27 -11.22
N GLN A 292 11.58 -26.83 -10.65
CA GLN A 292 10.19 -27.09 -11.15
C GLN A 292 9.97 -27.12 -12.67
N ASP A 293 9.46 -28.23 -13.24
CA ASP A 293 9.05 -29.49 -12.55
C ASP A 293 7.94 -29.40 -11.49
N GLY A 294 6.71 -29.28 -11.96
CA GLY A 294 5.53 -29.34 -11.09
C GLY A 294 4.81 -28.02 -10.90
N GLY A 295 5.20 -26.97 -11.63
CA GLY A 295 4.49 -25.67 -11.59
C GLY A 295 4.67 -24.88 -10.29
N SER A 296 4.84 -23.57 -10.42
CA SER A 296 5.18 -22.70 -9.28
C SER A 296 4.01 -22.55 -8.32
N PRO A 297 4.22 -21.89 -7.17
CA PRO A 297 3.11 -21.49 -6.29
C PRO A 297 2.44 -20.20 -6.74
N LYS A 298 1.24 -19.97 -6.23
CA LYS A 298 0.34 -18.94 -6.72
C LYS A 298 -0.30 -18.13 -5.60
N THR A 299 -0.93 -18.83 -4.65
CA THR A 299 -1.52 -18.17 -3.48
C THR A 299 -0.54 -18.06 -2.32
N THR A 300 -0.87 -17.20 -1.34
CA THR A 300 0.01 -17.02 -0.19
C THR A 300 0.14 -18.34 0.57
N THR A 301 -0.96 -19.05 0.77
CA THR A 301 -0.84 -20.33 1.39
C THR A 301 0.15 -21.25 0.64
N ASP A 302 0.14 -21.26 -0.69
CA ASP A 302 1.14 -22.03 -1.44
C ASP A 302 2.56 -21.70 -0.98
N MET A 303 2.83 -20.39 -0.85
CA MET A 303 4.14 -19.91 -0.43
C MET A 303 4.52 -20.38 0.95
N TYR A 304 3.54 -20.40 1.84
CA TYR A 304 3.84 -20.77 3.21
C TYR A 304 4.01 -22.28 3.30
N LEU A 305 3.38 -23.00 2.41
CA LEU A 305 3.60 -24.43 2.32
C LEU A 305 4.99 -24.73 1.78
N LEU A 306 5.45 -23.94 0.82
CA LEU A 306 6.73 -24.20 0.17
C LEU A 306 7.87 -23.96 1.12
N ILE A 307 7.72 -22.95 1.97
CA ILE A 307 8.74 -22.68 2.96
C ILE A 307 8.68 -23.75 4.06
N LEU A 308 7.49 -24.25 4.37
CA LEU A 308 7.37 -25.34 5.32
C LEU A 308 8.15 -26.56 4.85
N GLN A 309 7.96 -26.98 3.60
CA GLN A 309 8.65 -28.17 3.12
C GLN A 309 10.15 -27.92 3.07
N HIS A 310 10.54 -26.69 2.81
CA HIS A 310 11.96 -26.34 2.82
C HIS A 310 12.56 -26.63 4.17
N PHE A 311 11.92 -26.13 5.22
CA PHE A 311 12.37 -26.38 6.58
C PHE A 311 12.36 -27.88 6.89
N LEU A 312 11.38 -28.60 6.38
CA LEU A 312 11.28 -30.03 6.62
C LEU A 312 12.35 -30.85 5.90
N ARG A 313 13.01 -30.29 4.90
CA ARG A 313 14.10 -31.02 4.24
C ARG A 313 15.35 -31.01 5.10
N HIS A 314 15.45 -30.07 6.03
CA HIS A 314 16.48 -30.13 7.09
C HIS A 314 15.98 -31.00 8.26
N ALA A 315 15.91 -32.31 8.05
CA ALA A 315 15.42 -33.29 9.03
C ALA A 315 15.75 -34.70 8.56
N SER A 328 5.20 -39.72 2.83
CA SER A 328 5.25 -38.28 2.90
C SER A 328 6.34 -37.84 3.86
N LEU A 329 6.74 -36.60 3.70
CA LEU A 329 7.76 -35.97 4.50
C LEU A 329 7.15 -35.33 5.75
N LEU A 330 5.94 -34.79 5.55
CA LEU A 330 5.32 -33.90 6.52
C LEU A 330 4.77 -34.63 7.73
N GLN A 331 4.09 -35.75 7.49
CA GLN A 331 3.60 -36.58 8.59
C GLN A 331 4.75 -37.09 9.45
N GLY A 332 5.93 -37.21 8.84
CA GLY A 332 7.17 -37.45 9.57
C GLY A 332 7.34 -36.56 10.79
N ARG A 333 7.10 -35.25 10.63
CA ARG A 333 7.22 -34.28 11.72
C ARG A 333 5.88 -33.72 12.20
N LEU A 334 4.80 -34.43 11.93
CA LEU A 334 3.47 -33.90 12.22
C LEU A 334 3.29 -33.40 13.66
N PRO A 335 3.65 -34.23 14.66
CA PRO A 335 3.24 -33.86 16.02
C PRO A 335 3.99 -32.64 16.49
N THR A 336 5.21 -32.46 15.97
CA THR A 336 5.99 -31.23 16.15
C THR A 336 5.21 -29.97 15.75
N LEU A 337 4.71 -29.99 14.50
CA LEU A 337 3.97 -28.88 13.91
C LEU A 337 2.69 -28.58 14.71
N LEU A 338 1.98 -29.64 15.09
CA LEU A 338 0.81 -29.49 15.94
C LEU A 338 1.17 -28.85 17.29
N ARG A 339 2.27 -29.29 17.88
CA ARG A 339 2.69 -28.76 19.17
C ARG A 339 3.00 -27.27 19.02
N LEU A 340 3.59 -26.93 17.87
CA LEU A 340 3.90 -25.53 17.54
C LEU A 340 2.64 -24.72 17.21
N GLY A 341 1.76 -25.30 16.39
CA GLY A 341 0.51 -24.66 16.04
C GLY A 341 -0.33 -24.34 17.27
N GLN A 342 -0.34 -25.29 18.21
CA GLN A 342 -1.06 -25.11 19.45
C GLN A 342 -0.55 -23.89 20.19
N LEU A 343 0.77 -23.85 20.36
CA LEU A 343 1.40 -22.69 20.96
C LEU A 343 1.02 -21.43 20.17
N ALA A 344 1.08 -21.52 18.84
CA ALA A 344 0.75 -20.38 17.99
C ALA A 344 -0.65 -19.85 18.28
N LEU A 345 -1.64 -20.74 18.19
CA LEU A 345 -3.01 -20.39 18.47
C LEU A 345 -3.15 -19.85 19.87
N TRP A 346 -2.58 -20.58 20.84
CA TRP A 346 -2.56 -20.12 22.23
C TRP A 346 -2.13 -18.66 22.30
N GLY A 347 -0.94 -18.38 21.79
CA GLY A 347 -0.34 -17.06 21.91
C GLY A 347 -1.20 -16.05 21.21
N LEU A 348 -1.68 -16.45 20.04
CA LEU A 348 -2.49 -15.60 19.17
C LEU A 348 -3.74 -15.16 19.93
N GLY A 349 -4.41 -16.14 20.54
CA GLY A 349 -5.59 -15.88 21.37
C GLY A 349 -5.27 -15.05 22.60
N MET A 350 -4.06 -15.22 23.09
CA MET A 350 -3.62 -14.54 24.29
C MET A 350 -3.02 -13.18 24.01
N CYS A 351 -2.86 -12.80 22.75
CA CYS A 351 -2.06 -11.64 22.39
C CYS A 351 -0.66 -11.66 23.04
N CYS A 352 0.00 -12.79 22.89
CA CYS A 352 1.36 -12.98 23.38
C CYS A 352 2.17 -13.55 22.21
N TYR A 353 3.21 -12.83 21.81
CA TYR A 353 3.97 -13.23 20.64
C TYR A 353 5.41 -13.56 21.00
N VAL A 354 5.70 -13.66 22.30
CA VAL A 354 7.02 -14.00 22.86
C VAL A 354 6.87 -15.01 23.99
N PHE A 355 7.75 -15.99 24.08
CA PHE A 355 7.51 -17.12 25.00
C PHE A 355 8.67 -17.43 25.96
N SER A 356 8.36 -17.51 27.26
CA SER A 356 9.34 -17.85 28.29
C SER A 356 9.47 -19.37 28.34
N ALA A 357 10.68 -19.86 28.57
CA ALA A 357 10.96 -21.32 28.53
C ALA A 357 10.02 -22.11 29.42
N GLN A 358 9.40 -21.44 30.38
CA GLN A 358 8.34 -22.04 31.17
C GLN A 358 7.05 -22.24 30.34
N GLN A 359 6.68 -21.23 29.57
CA GLN A 359 5.57 -21.36 28.62
C GLN A 359 5.88 -22.44 27.57
N LEU A 360 7.13 -22.49 27.11
CA LEU A 360 7.54 -23.47 26.10
C LEU A 360 7.48 -24.92 26.60
N GLN A 361 7.92 -25.15 27.84
CA GLN A 361 7.80 -26.49 28.44
C GLN A 361 6.33 -26.79 28.70
N ALA A 362 5.56 -25.77 29.11
CA ALA A 362 4.14 -25.96 29.47
C ALA A 362 3.29 -26.26 28.24
N ALA A 363 3.77 -25.87 27.05
CA ALA A 363 3.17 -26.28 25.78
C ALA A 363 3.99 -27.40 25.12
N GLN A 364 4.79 -28.10 25.92
CA GLN A 364 5.52 -29.29 25.50
C GLN A 364 6.38 -29.22 24.23
N VAL A 365 7.15 -28.15 24.04
CA VAL A 365 7.96 -28.03 22.82
C VAL A 365 9.43 -28.34 23.07
N ASP A 366 9.85 -29.55 22.72
CA ASP A 366 11.20 -30.01 23.03
C ASP A 366 12.25 -29.33 22.10
N PRO A 367 13.57 -29.47 22.42
CA PRO A 367 14.60 -28.93 21.53
C PRO A 367 14.48 -29.40 20.08
N ASP A 368 14.07 -30.65 19.89
CA ASP A 368 13.93 -31.22 18.55
C ASP A 368 12.87 -30.46 17.72
N ASP A 369 11.81 -30.00 18.39
CA ASP A 369 10.78 -29.15 17.76
C ASP A 369 11.38 -27.81 17.35
N ILE A 370 12.07 -27.18 18.28
CA ILE A 370 12.57 -25.80 18.14
C ILE A 370 13.57 -25.63 16.98
N SER A 371 14.35 -26.70 16.75
CA SER A 371 15.38 -26.73 15.73
C SER A 371 14.82 -26.70 14.30
N LEU A 372 13.56 -27.07 14.14
CA LEU A 372 12.90 -27.06 12.84
C LEU A 372 12.88 -25.64 12.27
N GLY A 373 12.86 -24.65 13.17
CA GLY A 373 13.25 -23.29 12.82
C GLY A 373 12.14 -22.30 12.61
N PHE A 374 10.98 -22.54 13.19
CA PHE A 374 9.92 -21.55 13.17
C PHE A 374 10.02 -20.67 14.40
N LEU A 375 10.69 -21.20 15.43
CA LEU A 375 10.97 -20.44 16.66
C LEU A 375 12.40 -19.94 16.66
N VAL A 376 12.60 -18.72 17.20
CA VAL A 376 13.88 -18.02 17.08
C VAL A 376 14.18 -17.02 18.19
N GLN A 377 15.45 -16.61 18.23
CA GLN A 377 15.91 -15.34 18.82
C GLN A 377 15.94 -15.42 20.35
N ALA A 387 17.09 -17.49 27.13
CA ALA A 387 16.61 -16.96 25.86
C ALA A 387 15.08 -17.11 25.73
N PRO A 388 14.34 -15.98 25.66
CA PRO A 388 12.90 -16.06 25.35
C PRO A 388 12.73 -16.20 23.84
N LEU A 389 11.86 -17.09 23.37
CA LEU A 389 11.64 -17.32 21.93
C LEU A 389 10.39 -16.68 21.35
N GLU A 390 10.43 -16.38 20.06
CA GLU A 390 9.30 -15.80 19.36
C GLU A 390 9.19 -16.48 17.97
N PHE A 391 8.08 -16.26 17.28
CA PHE A 391 7.84 -16.93 16.00
C PHE A 391 8.56 -16.17 14.89
N LEU A 392 9.15 -16.91 13.96
CA LEU A 392 9.97 -16.33 12.90
C LEU A 392 9.40 -15.04 12.34
N HIS A 393 8.08 -15.00 12.16
CA HIS A 393 7.36 -13.79 11.82
C HIS A 393 5.92 -13.94 12.31
N ILE A 394 5.25 -12.84 12.62
CA ILE A 394 3.86 -12.95 13.08
C ILE A 394 3.01 -13.83 12.13
N THR A 395 3.24 -13.70 10.83
CA THR A 395 2.54 -14.52 9.83
C THR A 395 2.73 -16.03 10.01
N PHE A 396 3.90 -16.44 10.50
CA PHE A 396 4.13 -17.87 10.75
C PHE A 396 3.37 -18.34 11.96
N GLN A 397 3.14 -17.45 12.91
CA GLN A 397 2.29 -17.80 14.02
C GLN A 397 0.89 -18.08 13.46
N CYS A 398 0.41 -17.20 12.59
CA CYS A 398 -0.92 -17.34 12.03
C CYS A 398 -1.04 -18.56 11.13
N PHE A 399 0.01 -18.90 10.41
CA PHE A 399 -0.02 -20.09 9.55
C PHE A 399 -0.14 -21.36 10.37
N LEU A 400 0.70 -21.48 11.39
CA LEU A 400 0.68 -22.69 12.24
C LEU A 400 -0.60 -22.79 13.06
N ALA A 401 -1.07 -21.67 13.58
CA ALA A 401 -2.39 -21.66 14.18
C ALA A 401 -3.43 -22.24 13.21
N ALA A 402 -3.39 -21.81 11.94
CA ALA A 402 -4.32 -22.30 10.94
C ALA A 402 -4.12 -23.79 10.68
N PHE A 403 -2.86 -24.20 10.71
CA PHE A 403 -2.49 -25.60 10.55
C PHE A 403 -3.09 -26.44 11.67
N TYR A 404 -2.88 -25.98 12.89
CA TYR A 404 -3.41 -26.66 14.06
C TYR A 404 -4.91 -26.75 13.91
N LEU A 405 -5.52 -25.62 13.60
CA LEU A 405 -6.96 -25.58 13.41
C LEU A 405 -7.46 -26.60 12.37
N VAL A 406 -6.68 -26.89 11.34
CA VAL A 406 -7.13 -27.85 10.34
C VAL A 406 -7.01 -29.27 10.85
N LEU A 407 -5.87 -29.63 11.43
CA LEU A 407 -5.53 -31.04 11.66
C LEU A 407 -5.66 -31.54 13.09
N SER A 408 -5.43 -30.70 14.08
CA SER A 408 -5.53 -31.13 15.49
C SER A 408 -6.91 -31.71 15.72
N THR A 409 -6.97 -32.81 16.47
CA THR A 409 -8.25 -33.45 16.74
C THR A 409 -8.91 -32.93 18.03
N ASP A 410 -8.43 -31.82 18.56
CA ASP A 410 -9.09 -31.13 19.69
C ASP A 410 -9.90 -29.95 19.24
N VAL A 411 -9.95 -29.72 17.93
CA VAL A 411 -10.61 -28.54 17.37
C VAL A 411 -11.97 -28.92 16.85
N PRO A 412 -13.03 -28.54 17.57
CA PRO A 412 -14.37 -28.89 17.12
C PRO A 412 -14.80 -28.05 15.90
N THR A 413 -15.29 -28.72 14.87
CA THR A 413 -15.81 -28.04 13.70
C THR A 413 -16.34 -26.65 13.98
N ALA A 414 -17.28 -26.54 14.91
CA ALA A 414 -17.96 -25.25 15.14
C ALA A 414 -17.04 -24.11 15.58
N SER A 415 -16.00 -24.40 16.33
CA SER A 415 -15.02 -23.38 16.68
C SER A 415 -14.59 -22.55 15.47
N LEU A 416 -14.39 -23.19 14.33
CA LEU A 416 -13.94 -22.51 13.11
C LEU A 416 -14.88 -21.38 12.75
N ARG A 417 -16.15 -21.51 13.06
CA ARG A 417 -17.10 -20.44 12.75
C ARG A 417 -16.63 -19.06 13.23
N TYR A 418 -15.79 -19.01 14.25
CA TYR A 418 -15.31 -17.74 14.78
C TYR A 418 -14.24 -17.07 13.91
N LEU A 419 -13.53 -17.86 13.11
CA LEU A 419 -12.53 -17.28 12.23
C LEU A 419 -13.13 -16.29 11.25
N PHE A 420 -14.40 -16.47 10.87
CA PHE A 420 -15.03 -15.59 9.90
C PHE A 420 -16.12 -14.70 10.53
N ASN A 421 -16.17 -14.69 11.87
CA ASN A 421 -17.21 -14.02 12.65
C ASN A 421 -18.59 -14.62 12.40
N CYS A 422 -18.78 -15.86 12.82
CA CYS A 422 -20.09 -16.55 12.71
C CYS A 422 -20.42 -17.32 14.01
N SER A 447 -15.34 -24.81 23.74
CA SER A 447 -13.89 -25.03 23.60
C SER A 447 -13.10 -23.78 24.07
N THR A 448 -11.92 -24.02 24.66
CA THR A 448 -10.96 -22.93 24.88
C THR A 448 -10.47 -22.48 23.49
N VAL A 449 -10.45 -23.42 22.54
CA VAL A 449 -10.14 -23.11 21.13
C VAL A 449 -11.02 -21.96 20.62
N ALA A 450 -12.33 -22.15 20.71
CA ALA A 450 -13.30 -21.10 20.42
C ALA A 450 -13.05 -19.78 21.19
N ALA A 451 -12.72 -19.91 22.47
CA ALA A 451 -12.52 -18.74 23.35
C ALA A 451 -11.28 -17.95 22.97
N LEU A 452 -10.22 -18.69 22.65
CA LEU A 452 -8.98 -18.12 22.16
C LEU A 452 -9.22 -17.33 20.90
N LEU A 453 -10.01 -17.88 19.98
CA LEU A 453 -10.31 -17.21 18.72
C LEU A 453 -11.06 -15.88 18.93
N GLN A 454 -11.96 -15.84 19.89
CA GLN A 454 -12.72 -14.62 20.17
C GLN A 454 -11.81 -13.51 20.74
N LYS A 455 -10.85 -13.89 21.59
CA LYS A 455 -9.92 -12.93 22.21
C LYS A 455 -8.80 -12.49 21.26
N THR A 456 -8.47 -13.33 20.26
CA THR A 456 -7.46 -13.02 19.23
C THR A 456 -7.69 -11.69 18.52
N GLU A 457 -6.60 -11.02 18.21
CA GLU A 457 -6.69 -9.75 17.53
C GLU A 457 -7.25 -9.94 16.12
N PRO A 458 -8.18 -9.06 15.70
CA PRO A 458 -8.75 -9.14 14.34
C PRO A 458 -7.74 -9.23 13.19
N HIS A 459 -6.76 -8.32 13.14
CA HIS A 459 -5.79 -8.41 12.03
C HIS A 459 -5.01 -9.73 12.02
N ASN A 460 -5.01 -10.49 13.12
CA ASN A 460 -4.37 -11.82 13.16
C ASN A 460 -5.34 -12.94 12.85
N LEU A 461 -6.61 -12.71 13.17
CA LEU A 461 -7.65 -13.63 12.80
C LEU A 461 -7.88 -13.58 11.28
N GLN A 462 -7.91 -12.37 10.73
CA GLN A 462 -8.06 -12.19 9.29
C GLN A 462 -7.04 -13.05 8.54
N ILE A 463 -5.81 -13.08 9.05
CA ILE A 463 -4.67 -13.79 8.41
C ILE A 463 -4.77 -15.31 8.63
N THR A 464 -5.08 -15.71 9.84
CA THR A 464 -5.22 -17.10 10.15
C THR A 464 -6.29 -17.70 9.25
N ALA A 465 -7.41 -16.99 9.14
CA ALA A 465 -8.54 -17.52 8.39
C ALA A 465 -8.23 -17.64 6.90
N ALA A 466 -7.44 -16.72 6.37
CA ALA A 466 -7.02 -16.80 4.98
C ALA A 466 -6.19 -18.07 4.75
N PHE A 467 -5.37 -18.42 5.73
CA PHE A 467 -4.56 -19.60 5.60
C PHE A 467 -5.44 -20.84 5.73
N LEU A 468 -6.40 -20.75 6.65
CA LEU A 468 -7.28 -21.87 6.90
C LEU A 468 -8.01 -22.21 5.60
N ALA A 469 -8.53 -21.18 4.94
CA ALA A 469 -9.13 -21.31 3.62
C ALA A 469 -8.20 -22.05 2.68
N GLY A 470 -6.99 -21.54 2.52
CA GLY A 470 -6.01 -22.14 1.63
C GLY A 470 -5.73 -23.62 1.89
N LEU A 471 -5.50 -23.99 3.14
CA LEU A 471 -5.14 -25.35 3.46
C LEU A 471 -6.26 -26.36 3.05
N LEU A 472 -7.50 -25.89 3.12
CA LEU A 472 -8.66 -26.66 2.68
C LEU A 472 -8.95 -26.59 1.16
N SER A 473 -8.10 -25.91 0.39
CA SER A 473 -8.30 -25.86 -1.06
C SER A 473 -8.23 -27.28 -1.58
N ARG A 474 -8.77 -27.50 -2.78
CA ARG A 474 -8.70 -28.82 -3.39
C ARG A 474 -7.26 -29.15 -3.73
N GLU A 475 -6.47 -28.18 -4.15
CA GLU A 475 -5.07 -28.45 -4.46
C GLU A 475 -4.35 -29.20 -3.32
N HIS A 476 -4.75 -28.94 -2.07
CA HIS A 476 -4.11 -29.55 -0.90
C HIS A 476 -4.97 -30.62 -0.24
N ARG A 477 -5.84 -31.28 -1.00
CA ARG A 477 -6.63 -32.38 -0.45
C ARG A 477 -5.66 -33.41 0.07
N ASP A 478 -4.73 -33.75 -0.82
CA ASP A 478 -3.85 -34.90 -0.66
C ASP A 478 -2.84 -34.65 0.43
N LEU A 479 -2.15 -33.52 0.41
CA LEU A 479 -1.23 -33.22 1.49
C LEU A 479 -1.86 -33.57 2.80
N LEU A 480 -3.06 -33.06 3.04
CA LEU A 480 -3.69 -33.23 4.34
C LEU A 480 -4.30 -34.62 4.57
N ALA A 481 -4.70 -35.30 3.49
CA ALA A 481 -5.24 -36.66 3.62
C ALA A 481 -4.15 -37.66 4.04
N ALA A 482 -2.88 -37.33 3.83
CA ALA A 482 -1.77 -38.11 4.41
C ALA A 482 -1.83 -38.15 5.95
N CYS A 483 -1.95 -36.98 6.59
CA CYS A 483 -1.90 -36.86 8.07
C CYS A 483 -3.13 -37.36 8.84
N GLN A 484 -4.31 -37.25 8.23
CA GLN A 484 -5.51 -37.83 8.81
C GLN A 484 -5.57 -39.34 8.57
N ALA A 485 -5.94 -40.10 9.59
CA ALA A 485 -6.37 -41.50 9.39
C ALA A 485 -7.74 -41.48 8.70
N SER A 486 -8.52 -40.44 9.01
CA SER A 486 -9.92 -40.28 8.58
C SER A 486 -10.12 -38.89 7.95
N GLU A 487 -10.43 -38.84 6.65
CA GLU A 487 -10.79 -37.56 6.02
C GLU A 487 -12.12 -37.01 6.55
N ARG A 488 -12.97 -37.87 7.11
CA ARG A 488 -14.19 -37.40 7.77
C ARG A 488 -13.98 -36.04 8.42
N SER A 489 -12.92 -35.89 9.20
CA SER A 489 -12.65 -34.63 9.91
C SER A 489 -12.42 -33.46 8.95
N LEU A 490 -11.56 -33.67 7.97
CA LEU A 490 -11.30 -32.64 6.97
C LEU A 490 -12.55 -32.26 6.20
N LEU A 491 -13.32 -33.25 5.74
CA LEU A 491 -14.60 -32.99 5.06
C LEU A 491 -15.44 -32.04 5.85
N ARG A 492 -15.52 -32.30 7.16
CA ARG A 492 -16.36 -31.50 8.04
C ARG A 492 -15.87 -30.06 8.24
N ARG A 493 -14.57 -29.85 8.23
CA ARG A 493 -14.04 -28.53 8.44
C ARG A 493 -14.09 -27.74 7.14
N ARG A 494 -13.70 -28.37 6.04
CA ARG A 494 -13.89 -27.79 4.72
C ARG A 494 -15.32 -27.29 4.53
N ALA A 495 -16.29 -28.13 4.86
CA ALA A 495 -17.70 -27.78 4.61
C ALA A 495 -18.15 -26.62 5.48
N CYS A 496 -17.62 -26.55 6.69
CA CYS A 496 -17.95 -25.48 7.62
C CYS A 496 -17.31 -24.17 7.20
N ALA A 497 -16.05 -24.23 6.82
CA ALA A 497 -15.37 -23.08 6.25
C ALA A 497 -16.10 -22.60 5.01
N ARG A 498 -16.42 -23.54 4.11
CA ARG A 498 -17.05 -23.16 2.87
C ARG A 498 -18.35 -22.45 3.14
N TRP A 499 -19.11 -22.97 4.10
CA TRP A 499 -20.37 -22.35 4.47
C TRP A 499 -20.17 -20.92 4.96
N CYS A 500 -19.22 -20.72 5.87
CA CYS A 500 -18.94 -19.39 6.40
C CYS A 500 -18.56 -18.43 5.28
N LEU A 501 -17.73 -18.92 4.37
CA LEU A 501 -17.23 -18.10 3.29
C LEU A 501 -18.31 -17.67 2.33
N ALA A 502 -19.21 -18.58 1.99
CA ALA A 502 -20.29 -18.28 1.06
C ALA A 502 -21.19 -17.17 1.58
N ARG A 503 -21.50 -17.20 2.86
CA ARG A 503 -22.26 -16.13 3.53
C ARG A 503 -21.50 -14.83 3.66
N SER A 504 -20.17 -14.88 3.55
CA SER A 504 -19.32 -13.84 4.11
C SER A 504 -19.54 -12.43 3.53
N LEU A 505 -19.79 -12.34 2.23
CA LEU A 505 -19.93 -11.04 1.58
C LEU A 505 -21.27 -10.39 1.81
N HIS A 506 -22.33 -11.18 1.95
CA HIS A 506 -23.62 -10.62 2.32
C HIS A 506 -23.57 -10.12 3.75
N LYS A 507 -22.94 -10.93 4.61
CA LYS A 507 -22.77 -10.61 6.02
C LYS A 507 -22.10 -9.27 6.16
N HIS A 508 -21.16 -9.00 5.26
CA HIS A 508 -20.38 -7.78 5.27
C HIS A 508 -21.14 -6.53 4.91
N PHE A 509 -21.75 -6.54 3.72
CA PHE A 509 -22.42 -5.36 3.19
C PHE A 509 -23.69 -5.06 3.95
N ARG A 510 -24.39 -6.09 4.41
CA ARG A 510 -25.63 -5.92 5.16
C ARG A 510 -25.44 -5.30 6.55
N SER A 511 -24.26 -5.46 7.16
CA SER A 511 -23.93 -4.72 8.40
C SER A 511 -22.96 -3.52 8.17
N ILE A 512 -23.43 -2.54 7.40
CA ILE A 512 -22.72 -1.28 7.10
C ILE A 512 -23.51 -0.05 7.63
N PRO A 513 -23.46 0.18 8.97
CA PRO A 513 -24.07 1.38 9.58
C PRO A 513 -23.04 2.49 9.81
N ALA A 525 -14.17 -1.36 7.66
CA ALA A 525 -15.07 -1.99 6.72
C ALA A 525 -14.27 -2.54 5.57
N MET A 526 -13.75 -1.64 4.73
CA MET A 526 -13.11 -2.01 3.46
C MET A 526 -11.69 -2.66 3.49
N PRO A 527 -10.95 -2.55 4.62
CA PRO A 527 -9.88 -3.56 4.91
C PRO A 527 -10.44 -4.97 5.22
N GLY A 528 -11.52 -5.01 6.01
CA GLY A 528 -12.24 -6.25 6.28
C GLY A 528 -12.73 -6.90 5.02
N PHE A 529 -13.13 -6.07 4.06
CA PHE A 529 -13.57 -6.54 2.74
C PHE A 529 -12.47 -7.33 2.04
N LEU A 530 -11.25 -6.81 1.95
CA LEU A 530 -10.22 -7.53 1.17
C LEU A 530 -9.85 -8.86 1.79
N TRP A 531 -9.83 -8.94 3.13
CA TRP A 531 -9.50 -10.20 3.78
C TRP A 531 -10.54 -11.26 3.46
N LEU A 532 -11.78 -10.84 3.33
CA LEU A 532 -12.82 -11.75 2.88
C LEU A 532 -12.59 -12.17 1.45
N ILE A 533 -12.14 -11.24 0.64
CA ILE A 533 -11.75 -11.52 -0.73
C ILE A 533 -10.54 -12.48 -0.73
N ARG A 534 -9.51 -12.14 0.03
CA ARG A 534 -8.32 -12.99 0.13
C ARG A 534 -8.67 -14.42 0.53
N SER A 535 -9.63 -14.56 1.44
CA SER A 535 -10.05 -15.87 1.90
C SER A 535 -10.73 -16.71 0.83
N LEU A 536 -11.57 -16.07 -0.01
CA LEU A 536 -12.22 -16.76 -1.12
C LEU A 536 -11.22 -17.17 -2.19
N TYR A 537 -10.25 -16.29 -2.40
CA TYR A 537 -9.19 -16.54 -3.36
C TYR A 537 -8.31 -17.72 -2.92
N GLU A 538 -8.04 -17.82 -1.61
CA GLU A 538 -7.13 -18.86 -1.07
C GLU A 538 -7.78 -20.22 -1.13
N MET A 539 -9.04 -20.30 -0.75
CA MET A 539 -9.80 -21.54 -0.81
C MET A 539 -9.82 -22.11 -2.24
N GLN A 540 -9.73 -21.20 -3.20
CA GLN A 540 -9.45 -21.52 -4.62
C GLN A 540 -10.57 -22.21 -5.36
N GLU A 541 -11.74 -22.34 -4.75
CA GLU A 541 -12.87 -22.93 -5.45
C GLU A 541 -13.62 -21.82 -6.14
N GLU A 542 -13.82 -22.02 -7.45
CA GLU A 542 -14.40 -21.04 -8.35
C GLU A 542 -15.87 -20.87 -8.07
N ARG A 543 -16.62 -21.97 -8.00
CA ARG A 543 -18.07 -21.92 -7.70
C ARG A 543 -18.35 -21.17 -6.42
N LEU A 544 -17.40 -21.17 -5.48
CA LEU A 544 -17.60 -20.55 -4.19
C LEU A 544 -17.61 -19.04 -4.31
N ALA A 545 -16.78 -18.48 -5.17
CA ALA A 545 -16.79 -17.05 -5.42
C ALA A 545 -18.14 -16.63 -5.97
N GLN A 546 -18.57 -17.38 -6.98
CA GLN A 546 -19.85 -17.19 -7.62
C GLN A 546 -21.00 -17.14 -6.63
N GLU A 547 -21.05 -18.08 -5.70
CA GLU A 547 -22.14 -18.13 -4.72
C GLU A 547 -22.11 -16.97 -3.77
N ALA A 548 -20.90 -16.56 -3.41
CA ALA A 548 -20.74 -15.53 -2.39
C ALA A 548 -21.18 -14.20 -2.95
N VAL A 549 -21.10 -14.07 -4.26
CA VAL A 549 -21.36 -12.81 -4.88
C VAL A 549 -22.79 -12.70 -5.36
N ARG A 550 -23.47 -13.86 -5.47
CA ARG A 550 -24.86 -13.90 -5.95
C ARG A 550 -25.77 -13.15 -5.00
N GLY A 551 -26.57 -12.22 -5.54
CA GLY A 551 -27.54 -11.49 -4.75
C GLY A 551 -27.05 -10.13 -4.28
N LEU A 552 -25.73 -9.94 -4.29
CA LEU A 552 -25.16 -8.62 -4.00
C LEU A 552 -25.60 -7.61 -5.04
N ASN A 553 -25.65 -6.34 -4.63
CA ASN A 553 -25.92 -5.26 -5.54
C ASN A 553 -24.89 -4.15 -5.34
N VAL A 554 -23.66 -4.39 -5.80
CA VAL A 554 -22.61 -3.39 -5.72
C VAL A 554 -22.54 -2.63 -7.03
N GLU A 555 -22.55 -1.30 -6.92
CA GLU A 555 -22.34 -0.41 -8.04
C GLU A 555 -20.98 0.23 -7.93
N HIS A 556 -20.65 0.76 -6.76
CA HIS A 556 -19.36 1.41 -6.56
C HIS A 556 -18.60 0.63 -5.51
N LEU A 557 -17.29 0.49 -5.70
CA LEU A 557 -16.48 -0.27 -4.78
C LEU A 557 -15.23 0.52 -4.43
N LYS A 558 -15.27 1.27 -3.35
CA LYS A 558 -14.16 2.18 -3.01
C LYS A 558 -13.10 1.46 -2.22
N LEU A 559 -11.92 1.31 -2.82
CA LEU A 559 -10.77 0.73 -2.15
C LEU A 559 -9.53 1.59 -2.32
N THR A 560 -9.67 2.88 -2.02
CA THR A 560 -8.52 3.78 -2.00
C THR A 560 -7.74 3.62 -0.69
N PHE A 561 -6.43 3.87 -0.73
CA PHE A 561 -5.57 3.82 0.46
C PHE A 561 -5.74 2.54 1.25
N CYS A 562 -6.07 1.46 0.55
CA CYS A 562 -6.41 0.19 1.20
C CYS A 562 -5.24 -0.78 1.26
N GLY A 563 -4.10 -0.40 0.68
CA GLY A 563 -2.92 -1.28 0.60
C GLY A 563 -3.13 -2.42 -0.39
N VAL A 564 -3.49 -2.06 -1.61
CA VAL A 564 -3.74 -3.03 -2.65
C VAL A 564 -2.49 -3.22 -3.50
N GLY A 565 -1.95 -4.43 -3.44
CA GLY A 565 -0.85 -4.81 -4.26
C GLY A 565 -1.26 -5.84 -5.30
N PRO A 566 -0.29 -6.23 -6.13
CA PRO A 566 -0.39 -7.30 -7.08
C PRO A 566 -1.13 -8.55 -6.65
N ALA A 567 -1.09 -8.92 -5.38
CA ALA A 567 -1.78 -10.14 -4.96
C ALA A 567 -3.17 -9.88 -4.40
N GLU A 568 -3.43 -8.65 -3.98
CA GLU A 568 -4.78 -8.27 -3.63
C GLU A 568 -5.55 -8.24 -4.94
N CYS A 569 -4.85 -7.82 -5.99
CA CYS A 569 -5.42 -7.74 -7.32
C CYS A 569 -5.79 -9.11 -7.84
N ALA A 570 -4.97 -10.09 -7.54
CA ALA A 570 -5.27 -11.44 -7.94
C ALA A 570 -6.54 -11.93 -7.26
N ALA A 571 -6.67 -11.68 -5.97
CA ALA A 571 -7.89 -12.04 -5.26
C ALA A 571 -9.08 -11.27 -5.81
N LEU A 572 -8.96 -9.95 -5.85
CA LEU A 572 -10.07 -9.16 -6.38
C LEU A 572 -10.60 -9.69 -7.72
N ALA A 573 -9.69 -9.97 -8.64
CA ALA A 573 -10.11 -10.51 -9.92
C ALA A 573 -10.88 -11.78 -9.67
N PHE A 574 -10.33 -12.67 -8.86
CA PHE A 574 -10.92 -14.00 -8.63
C PHE A 574 -12.40 -13.96 -8.29
N VAL A 575 -12.77 -12.96 -7.50
CA VAL A 575 -14.13 -12.85 -7.00
C VAL A 575 -14.96 -11.96 -7.88
N LEU A 576 -14.41 -10.81 -8.28
CA LEU A 576 -15.21 -9.76 -8.93
C LEU A 576 -15.62 -10.09 -10.35
N ARG A 577 -14.89 -10.98 -11.01
CA ARG A 577 -15.23 -11.35 -12.36
C ARG A 577 -16.62 -11.97 -12.43
N HIS A 578 -17.11 -12.51 -11.31
CA HIS A 578 -18.42 -13.13 -11.30
C HIS A 578 -19.61 -12.16 -11.18
N LEU A 579 -19.38 -10.86 -11.02
CA LEU A 579 -20.49 -9.92 -10.83
C LEU A 579 -21.22 -9.70 -12.15
N ARG A 580 -22.55 -9.63 -12.12
CA ARG A 580 -23.33 -9.36 -13.33
C ARG A 580 -23.73 -7.91 -13.43
N ARG A 581 -23.51 -7.15 -12.37
CA ARG A 581 -23.69 -5.73 -12.45
C ARG A 581 -22.31 -5.13 -12.69
N PRO A 582 -22.17 -4.33 -13.74
CA PRO A 582 -20.95 -3.58 -13.93
C PRO A 582 -20.67 -2.66 -12.77
N VAL A 583 -19.47 -2.80 -12.22
CA VAL A 583 -19.08 -2.11 -10.99
C VAL A 583 -18.07 -0.99 -11.28
N ALA A 584 -18.05 0.06 -10.47
CA ALA A 584 -17.02 1.07 -10.57
C ALA A 584 -15.90 0.76 -9.57
N LEU A 585 -14.76 0.31 -10.09
CA LEU A 585 -13.67 -0.17 -9.25
C LEU A 585 -12.71 0.97 -9.00
N GLN A 586 -12.80 1.52 -7.80
CA GLN A 586 -12.06 2.69 -7.40
C GLN A 586 -10.86 2.19 -6.62
N LEU A 587 -9.71 2.18 -7.29
CA LEU A 587 -8.47 1.70 -6.70
C LEU A 587 -7.39 2.76 -6.50
N ASP A 588 -7.75 4.04 -6.67
CA ASP A 588 -6.85 5.18 -6.49
C ASP A 588 -5.98 5.05 -5.24
N HIS A 589 -4.70 5.43 -5.35
CA HIS A 589 -3.76 5.45 -4.21
C HIS A 589 -3.55 4.07 -3.57
N ASN A 590 -2.90 3.21 -4.34
CA ASN A 590 -2.48 1.90 -3.84
C ASN A 590 -1.14 1.59 -4.49
N SER A 591 -0.76 0.33 -4.55
CA SER A 591 0.49 -0.05 -5.19
C SER A 591 0.25 -1.21 -6.15
N VAL A 592 -0.64 -0.97 -7.10
CA VAL A 592 -1.00 -1.96 -8.10
C VAL A 592 0.17 -2.25 -9.05
N GLY A 593 0.74 -1.22 -9.67
CA GLY A 593 1.83 -1.43 -10.60
C GLY A 593 1.43 -2.21 -11.84
N ASP A 594 2.39 -2.43 -12.74
CA ASP A 594 2.11 -3.22 -13.93
C ASP A 594 1.64 -4.64 -13.57
N ILE A 595 2.20 -5.22 -12.51
CA ILE A 595 1.92 -6.62 -12.16
C ILE A 595 0.50 -6.81 -11.62
N GLY A 596 0.04 -5.81 -10.87
CA GLY A 596 -1.31 -5.79 -10.36
C GLY A 596 -2.29 -5.65 -11.50
N VAL A 597 -1.96 -4.81 -12.48
CA VAL A 597 -2.86 -4.62 -13.61
C VAL A 597 -3.07 -5.92 -14.35
N GLU A 598 -2.00 -6.68 -14.48
CA GLU A 598 -2.10 -7.94 -15.18
C GLU A 598 -3.00 -8.89 -14.41
N GLN A 599 -2.86 -8.90 -13.09
CA GLN A 599 -3.61 -9.81 -12.25
C GLN A 599 -5.07 -9.39 -12.11
N LEU A 600 -5.38 -8.14 -12.44
CA LEU A 600 -6.76 -7.64 -12.44
C LEU A 600 -7.59 -8.06 -13.64
N LEU A 601 -6.92 -8.34 -14.76
CA LEU A 601 -7.59 -8.44 -16.05
C LEU A 601 -8.82 -9.36 -16.12
N PRO A 602 -8.79 -10.48 -15.42
CA PRO A 602 -9.96 -11.34 -15.52
C PRO A 602 -11.29 -10.71 -15.10
N CYS A 603 -11.28 -9.72 -14.22
CA CYS A 603 -12.53 -9.12 -13.78
C CYS A 603 -12.81 -7.82 -14.51
N LEU A 604 -11.88 -7.38 -15.35
CA LEU A 604 -12.07 -6.16 -16.14
C LEU A 604 -13.40 -6.11 -16.89
N GLY A 605 -13.78 -7.25 -17.43
CA GLY A 605 -15.09 -7.42 -18.02
C GLY A 605 -16.25 -6.97 -17.14
N ALA A 606 -16.12 -7.17 -15.83
CA ALA A 606 -17.15 -6.79 -14.88
C ALA A 606 -17.10 -5.33 -14.44
N CYS A 607 -16.20 -4.51 -15.00
CA CYS A 607 -16.14 -3.08 -14.64
C CYS A 607 -16.75 -2.15 -15.66
N LYS A 608 -17.58 -1.23 -15.21
CA LYS A 608 -17.93 -0.04 -16.00
C LYS A 608 -16.91 1.11 -15.88
N ALA A 609 -16.09 1.08 -14.82
CA ALA A 609 -15.10 2.13 -14.57
C ALA A 609 -13.98 1.64 -13.71
N LEU A 610 -12.76 1.90 -14.16
CA LEU A 610 -11.57 1.53 -13.44
C LEU A 610 -10.81 2.80 -13.08
N TYR A 611 -10.62 3.05 -11.78
CA TYR A 611 -9.87 4.21 -11.30
C TYR A 611 -8.58 3.71 -10.68
N LEU A 612 -7.44 4.02 -11.31
CA LEU A 612 -6.11 3.57 -10.85
C LEU A 612 -5.10 4.71 -10.72
N ARG A 613 -5.52 5.85 -10.17
CA ARG A 613 -4.63 6.97 -9.96
C ARG A 613 -3.59 6.60 -8.91
N ASP A 614 -2.39 7.17 -9.03
CA ASP A 614 -1.35 7.04 -8.00
C ASP A 614 -1.05 5.58 -7.68
N ASN A 615 -0.84 4.79 -8.72
CA ASN A 615 -0.60 3.36 -8.57
C ASN A 615 0.66 2.84 -9.27
N ASN A 616 1.57 3.73 -9.59
CA ASN A 616 2.88 3.33 -10.09
C ASN A 616 2.89 2.45 -11.35
N ILE A 617 1.98 2.74 -12.29
CA ILE A 617 1.80 1.96 -13.52
C ILE A 617 2.62 2.54 -14.67
N SER A 618 3.24 1.66 -15.45
CA SER A 618 4.09 2.07 -16.57
C SER A 618 3.37 1.81 -17.89
N ASP A 619 4.02 2.15 -18.99
CA ASP A 619 3.46 1.86 -20.28
C ASP A 619 3.20 0.37 -20.43
N ARG A 620 4.03 -0.50 -19.85
CA ARG A 620 3.85 -1.96 -20.02
C ARG A 620 2.49 -2.35 -19.48
N GLY A 621 2.16 -1.80 -18.32
CA GLY A 621 0.89 -2.08 -17.67
C GLY A 621 -0.28 -1.56 -18.45
N ILE A 622 -0.28 -0.28 -18.76
CA ILE A 622 -1.39 0.30 -19.50
C ILE A 622 -1.59 -0.30 -20.90
N CYS A 623 -0.53 -0.71 -21.60
CA CYS A 623 -0.66 -1.27 -22.96
C CYS A 623 -1.32 -2.62 -22.93
N LYS A 624 -1.14 -3.30 -21.81
CA LYS A 624 -1.74 -4.59 -21.57
C LYS A 624 -3.23 -4.41 -21.25
N LEU A 625 -3.47 -3.47 -20.34
CA LEU A 625 -4.79 -3.14 -19.87
C LEU A 625 -5.74 -2.77 -21.02
N ILE A 626 -5.20 -2.08 -22.02
CA ILE A 626 -5.99 -1.66 -23.17
C ILE A 626 -6.30 -2.83 -24.09
N GLU A 627 -5.32 -3.68 -24.39
CA GLU A 627 -5.59 -4.79 -25.30
C GLU A 627 -6.77 -5.61 -24.78
N HIS A 628 -6.91 -5.66 -23.46
CA HIS A 628 -8.01 -6.35 -22.83
C HIS A 628 -9.27 -5.48 -22.78
N ALA A 629 -9.13 -4.18 -22.50
CA ALA A 629 -10.29 -3.28 -22.46
C ALA A 629 -11.14 -3.30 -23.73
N LEU A 630 -10.48 -3.48 -24.86
CA LEU A 630 -11.16 -3.55 -26.14
C LEU A 630 -12.18 -4.69 -26.25
N HIS A 631 -12.09 -5.71 -25.39
CA HIS A 631 -13.08 -6.78 -25.38
C HIS A 631 -14.09 -6.68 -24.23
N CYS A 632 -14.04 -5.59 -23.47
CA CYS A 632 -15.01 -5.38 -22.40
C CYS A 632 -15.89 -4.20 -22.77
N GLU A 633 -17.03 -4.47 -23.39
CA GLU A 633 -17.87 -3.34 -23.82
C GLU A 633 -18.49 -2.64 -22.62
N GLN A 634 -18.51 -3.30 -21.47
CA GLN A 634 -19.08 -2.68 -20.28
C GLN A 634 -18.22 -1.52 -19.78
N LEU A 635 -16.92 -1.58 -20.05
CA LEU A 635 -15.94 -0.61 -19.52
C LEU A 635 -15.89 0.68 -20.32
N GLN A 636 -16.22 1.77 -19.66
CA GLN A 636 -16.38 3.08 -20.29
C GLN A 636 -15.50 4.23 -19.78
N LYS A 637 -14.95 4.09 -18.58
CA LYS A 637 -14.12 5.13 -17.95
C LYS A 637 -12.83 4.52 -17.44
N LEU A 638 -11.72 5.18 -17.76
CA LEU A 638 -10.41 4.77 -17.29
C LEU A 638 -9.65 5.99 -16.80
N ALA A 639 -9.17 5.94 -15.56
CA ALA A 639 -8.51 7.07 -14.92
C ALA A 639 -7.15 6.65 -14.44
N LEU A 640 -6.11 7.32 -14.95
CA LEU A 640 -4.73 6.90 -14.72
C LEU A 640 -3.85 8.08 -14.36
N PHE A 641 -4.44 8.99 -13.60
CA PHE A 641 -3.75 10.19 -13.12
C PHE A 641 -2.56 9.85 -12.21
N ASN A 642 -1.41 10.42 -12.54
CA ASN A 642 -0.24 10.32 -11.68
C ASN A 642 0.34 8.90 -11.67
N ASN A 643 0.78 8.45 -12.83
CA ASN A 643 1.55 7.20 -12.93
C ASN A 643 2.81 7.50 -13.75
N LYS A 644 3.41 6.49 -14.35
CA LYS A 644 4.65 6.65 -15.10
C LYS A 644 4.42 6.37 -16.58
N LEU A 645 3.33 6.91 -17.11
CA LEU A 645 3.01 6.69 -18.50
C LEU A 645 3.83 7.65 -19.30
N THR A 646 4.05 7.31 -20.57
CA THR A 646 4.91 8.12 -21.43
C THR A 646 4.47 7.95 -22.86
N ASP A 647 5.19 8.57 -23.80
CA ASP A 647 4.81 8.49 -25.19
C ASP A 647 4.69 7.06 -25.69
N GLY A 648 5.31 6.13 -24.98
CA GLY A 648 5.29 4.70 -25.36
C GLY A 648 3.93 4.08 -25.30
N CYS A 649 3.07 4.61 -24.44
CA CYS A 649 1.69 4.15 -24.39
C CYS A 649 0.82 4.76 -25.52
N ALA A 650 1.35 5.75 -26.24
CA ALA A 650 0.55 6.54 -27.20
C ALA A 650 -0.25 5.71 -28.20
N HIS A 651 0.40 4.78 -28.88
CA HIS A 651 -0.30 4.04 -29.91
C HIS A 651 -1.46 3.23 -29.36
N SER A 652 -1.24 2.57 -28.23
CA SER A 652 -2.32 1.83 -27.54
C SER A 652 -3.50 2.75 -27.27
N VAL A 653 -3.23 3.93 -26.73
CA VAL A 653 -4.28 4.92 -26.46
C VAL A 653 -4.99 5.28 -27.77
N ALA A 654 -4.24 5.47 -28.84
CA ALA A 654 -4.84 5.68 -30.15
C ALA A 654 -5.78 4.55 -30.50
N GLN A 655 -5.41 3.30 -30.22
CA GLN A 655 -6.28 2.14 -30.54
C GLN A 655 -7.50 2.14 -29.69
N LEU A 656 -7.37 2.57 -28.45
CA LEU A 656 -8.51 2.58 -27.55
C LEU A 656 -9.58 3.52 -28.10
N LEU A 657 -9.23 4.78 -28.29
CA LEU A 657 -10.16 5.83 -28.75
C LEU A 657 -10.79 5.54 -30.12
N ALA A 658 -10.00 4.89 -30.95
CA ALA A 658 -10.40 4.56 -32.29
C ALA A 658 -11.30 3.35 -32.35
N CYS A 659 -11.18 2.41 -31.40
CA CYS A 659 -11.91 1.13 -31.49
C CYS A 659 -13.04 0.95 -30.49
N LYS A 660 -12.79 1.00 -29.18
CA LYS A 660 -13.91 0.97 -28.24
C LYS A 660 -14.79 2.11 -28.62
N GLN A 661 -16.09 1.89 -28.75
CA GLN A 661 -16.94 2.99 -29.20
C GLN A 661 -18.15 3.18 -28.33
N ASN A 662 -17.99 2.89 -27.06
CA ASN A 662 -18.92 3.36 -26.06
C ASN A 662 -18.11 4.03 -24.97
N PHE A 663 -16.87 4.40 -25.31
CA PHE A 663 -15.95 4.85 -24.30
C PHE A 663 -16.27 6.28 -23.93
N LEU A 664 -16.17 6.61 -22.64
CA LEU A 664 -16.68 7.90 -22.13
C LEU A 664 -15.65 8.87 -21.52
N ALA A 665 -14.72 8.34 -20.73
CA ALA A 665 -13.82 9.16 -19.93
C ALA A 665 -12.42 8.59 -19.86
N LEU A 666 -11.43 9.45 -20.07
CA LEU A 666 -10.04 9.02 -20.08
C LEU A 666 -9.16 10.07 -19.42
N ARG A 667 -8.57 9.71 -18.28
CA ARG A 667 -7.76 10.62 -17.50
C ARG A 667 -6.31 10.21 -17.52
N LEU A 668 -5.46 11.08 -18.04
CA LEU A 668 -4.03 10.78 -18.12
C LEU A 668 -3.16 11.86 -17.51
N GLY A 669 -3.73 12.69 -16.64
CA GLY A 669 -2.96 13.75 -16.00
C GLY A 669 -1.79 13.23 -15.19
N ASN A 670 -0.75 14.05 -15.09
CA ASN A 670 0.50 13.73 -14.40
C ASN A 670 1.17 12.44 -14.84
N ASN A 671 1.54 12.40 -16.10
CA ASN A 671 2.43 11.40 -16.60
C ASN A 671 3.48 12.13 -17.42
N HIS A 672 4.13 11.45 -18.36
CA HIS A 672 5.22 12.06 -19.07
C HIS A 672 4.93 12.01 -20.55
N ILE A 673 3.69 12.32 -20.89
CA ILE A 673 3.31 12.46 -22.28
C ILE A 673 3.83 13.82 -22.71
N THR A 674 4.32 13.84 -23.94
CA THR A 674 4.88 15.01 -24.58
C THR A 674 4.13 15.20 -25.89
N ALA A 675 4.50 16.25 -26.61
CA ALA A 675 3.95 16.52 -27.93
C ALA A 675 3.86 15.29 -28.83
N GLU A 676 4.89 14.46 -28.85
CA GLU A 676 4.91 13.35 -29.80
C GLU A 676 3.83 12.33 -29.43
N GLY A 677 3.75 11.97 -28.16
CA GLY A 677 2.68 11.08 -27.72
C GLY A 677 1.31 11.65 -28.07
N ALA A 678 1.17 12.94 -27.84
CA ALA A 678 -0.08 13.65 -28.13
C ALA A 678 -0.43 13.58 -29.61
N GLN A 679 0.55 13.81 -30.46
CA GLN A 679 0.34 13.74 -31.90
C GLN A 679 -0.14 12.35 -32.24
N VAL A 680 0.52 11.35 -31.66
CA VAL A 680 0.24 9.96 -32.01
C VAL A 680 -1.15 9.53 -31.61
N LEU A 681 -1.50 9.75 -30.35
CA LEU A 681 -2.78 9.27 -29.84
C LEU A 681 -3.96 10.04 -30.42
N ALA A 682 -3.74 11.27 -30.84
CA ALA A 682 -4.82 12.08 -31.37
C ALA A 682 -5.48 11.47 -32.60
N GLU A 683 -4.72 10.72 -33.37
CA GLU A 683 -5.29 10.07 -34.54
C GLU A 683 -6.51 9.24 -34.15
N GLY A 684 -6.43 8.58 -33.01
CA GLY A 684 -7.54 7.77 -32.53
C GLY A 684 -8.73 8.60 -32.12
N LEU A 685 -8.45 9.83 -31.68
CA LEU A 685 -9.48 10.77 -31.29
C LEU A 685 -10.27 11.22 -32.51
N ARG A 686 -9.59 11.35 -33.62
CA ARG A 686 -10.22 11.79 -34.85
C ARG A 686 -11.26 10.77 -35.29
N ASP A 687 -10.99 9.48 -35.05
CA ASP A 687 -11.89 8.39 -35.45
C ASP A 687 -12.71 7.90 -34.28
N ASN A 688 -13.06 8.82 -33.37
CA ASN A 688 -13.81 8.49 -32.17
C ASN A 688 -15.13 9.22 -32.13
N SER A 689 -16.18 8.56 -31.65
CA SER A 689 -17.51 9.13 -31.65
C SER A 689 -18.07 9.43 -30.27
N SER A 690 -17.64 8.69 -29.24
CA SER A 690 -18.38 8.61 -27.99
C SER A 690 -17.80 9.35 -26.81
N LEU A 691 -16.51 9.66 -26.86
CA LEU A 691 -15.79 10.19 -25.71
C LEU A 691 -16.34 11.50 -25.25
N GLN A 692 -16.30 11.71 -23.94
CA GLN A 692 -16.93 12.87 -23.32
C GLN A 692 -16.00 13.67 -22.40
N PHE A 693 -15.08 12.98 -21.72
CA PHE A 693 -14.03 13.64 -20.97
C PHE A 693 -12.67 13.12 -21.34
N LEU A 694 -11.72 14.04 -21.44
CA LEU A 694 -10.36 13.71 -21.79
C LEU A 694 -9.42 14.66 -21.06
N GLY A 695 -8.59 14.13 -20.18
CA GLY A 695 -7.74 14.94 -19.29
C GLY A 695 -6.25 14.73 -19.49
N PHE A 696 -5.50 15.83 -19.49
CA PHE A 696 -4.06 15.77 -19.69
C PHE A 696 -3.26 16.64 -18.71
N TRP A 697 -3.94 17.15 -17.70
CA TRP A 697 -3.32 17.98 -16.67
C TRP A 697 -1.96 17.46 -16.27
N GLY A 698 -0.96 18.33 -16.26
CA GLY A 698 0.35 17.93 -15.81
C GLY A 698 1.26 17.39 -16.89
N ASN A 699 0.71 16.83 -17.96
CA ASN A 699 1.58 16.37 -19.05
C ASN A 699 2.15 17.58 -19.77
N LYS A 700 2.85 17.37 -20.89
CA LYS A 700 3.51 18.46 -21.62
C LYS A 700 3.33 18.36 -23.12
N VAL A 701 2.08 18.34 -23.57
CA VAL A 701 1.79 18.17 -25.00
C VAL A 701 2.28 19.36 -25.84
N GLY A 702 2.42 20.53 -25.20
CA GLY A 702 2.87 21.73 -25.91
C GLY A 702 2.10 22.10 -27.18
N ASP A 703 2.73 22.92 -28.02
CA ASP A 703 2.03 23.50 -29.17
C ASP A 703 1.69 22.45 -30.25
N LYS A 704 2.63 21.56 -30.56
CA LYS A 704 2.41 20.58 -31.62
C LYS A 704 1.44 19.50 -31.19
N GLY A 705 1.48 19.17 -29.90
CA GLY A 705 0.54 18.23 -29.34
C GLY A 705 -0.83 18.85 -29.19
N ALA A 706 -0.86 20.12 -28.81
CA ALA A 706 -2.12 20.84 -28.69
C ALA A 706 -2.74 21.11 -30.07
N GLN A 707 -1.92 21.27 -31.10
CA GLN A 707 -2.47 21.34 -32.46
C GLN A 707 -3.21 20.06 -32.75
N ALA A 708 -2.49 18.94 -32.65
CA ALA A 708 -2.95 17.63 -33.14
C ALA A 708 -4.23 17.17 -32.47
N LEU A 709 -4.38 17.51 -31.19
CA LEU A 709 -5.62 17.27 -30.48
C LEU A 709 -6.72 18.18 -30.96
N ALA A 710 -6.42 19.48 -31.07
CA ALA A 710 -7.39 20.47 -31.54
C ALA A 710 -7.99 20.12 -32.92
N GLU A 711 -7.11 19.74 -33.84
CA GLU A 711 -7.54 19.34 -35.17
C GLU A 711 -8.42 18.10 -35.10
N ALA A 712 -8.02 17.14 -34.28
CA ALA A 712 -8.83 15.95 -34.07
C ALA A 712 -10.20 16.28 -33.48
N LEU A 713 -10.28 17.23 -32.56
CA LEU A 713 -11.53 17.50 -31.90
C LEU A 713 -12.43 18.49 -32.63
N SER A 714 -11.95 19.07 -33.73
CA SER A 714 -12.72 20.09 -34.44
C SER A 714 -14.09 19.57 -34.90
N ASP A 715 -14.07 18.38 -35.49
CA ASP A 715 -15.27 17.71 -35.95
C ASP A 715 -15.95 16.83 -34.87
N HIS A 716 -15.27 16.60 -33.76
CA HIS A 716 -15.69 15.59 -32.77
C HIS A 716 -16.97 15.92 -31.99
N GLN A 717 -17.91 14.98 -32.05
CA GLN A 717 -19.33 15.26 -31.83
C GLN A 717 -19.80 15.06 -30.40
N SER A 718 -18.99 14.46 -29.52
CA SER A 718 -19.42 14.13 -28.15
C SER A 718 -18.56 14.68 -27.00
N LEU A 719 -17.34 15.12 -27.27
CA LEU A 719 -16.45 15.50 -26.18
C LEU A 719 -16.91 16.85 -25.62
N LYS A 720 -17.06 16.91 -24.31
CA LYS A 720 -17.57 18.08 -23.62
C LYS A 720 -16.61 18.67 -22.59
N TRP A 721 -15.49 18.00 -22.32
CA TRP A 721 -14.53 18.47 -21.32
C TRP A 721 -13.13 18.09 -21.78
N LEU A 722 -12.18 18.96 -21.51
CA LEU A 722 -10.83 18.74 -21.97
C LEU A 722 -9.94 19.57 -21.07
N SER A 723 -9.00 18.94 -20.35
CA SER A 723 -8.01 19.69 -19.57
C SER A 723 -6.70 19.61 -20.31
N LEU A 724 -6.09 20.76 -20.55
CA LEU A 724 -4.69 20.83 -20.99
C LEU A 724 -3.94 21.71 -20.00
N VAL A 725 -4.41 21.72 -18.76
CA VAL A 725 -3.80 22.47 -17.68
C VAL A 725 -2.34 22.07 -17.56
N GLY A 726 -1.45 23.05 -17.46
CA GLY A 726 -0.04 22.81 -17.11
C GLY A 726 0.72 22.04 -18.16
N ASN A 727 0.45 22.34 -19.43
CA ASN A 727 0.99 21.56 -20.53
C ASN A 727 1.94 22.32 -21.46
N ASN A 728 2.45 23.45 -20.97
CA ASN A 728 3.46 24.20 -21.72
C ASN A 728 3.00 24.57 -23.13
N ILE A 729 1.91 25.30 -23.22
CA ILE A 729 1.29 25.59 -24.49
C ILE A 729 1.44 27.07 -24.76
N GLY A 730 2.23 27.41 -25.77
CA GLY A 730 2.35 28.80 -26.21
C GLY A 730 1.16 29.27 -27.03
N SER A 731 1.38 30.34 -27.79
CA SER A 731 0.32 30.94 -28.59
C SER A 731 0.02 30.10 -29.84
N VAL A 732 0.98 29.30 -30.28
CA VAL A 732 0.83 28.50 -31.50
C VAL A 732 -0.26 27.45 -31.34
N GLY A 733 -0.26 26.79 -30.19
CA GLY A 733 -1.29 25.84 -29.83
C GLY A 733 -2.61 26.52 -29.54
N ALA A 734 -2.56 27.73 -29.00
CA ALA A 734 -3.77 28.48 -28.70
C ALA A 734 -4.47 28.97 -29.98
N GLN A 735 -3.69 29.16 -31.03
CA GLN A 735 -4.28 29.49 -32.32
C GLN A 735 -5.08 28.25 -32.72
N ALA A 736 -4.39 27.10 -32.74
CA ALA A 736 -5.00 25.82 -33.13
C ALA A 736 -6.25 25.45 -32.33
N LEU A 737 -6.22 25.71 -31.03
CA LEU A 737 -7.38 25.45 -30.20
C LEU A 737 -8.50 26.41 -30.53
N ALA A 738 -8.15 27.63 -30.94
CA ALA A 738 -9.16 28.60 -31.33
C ALA A 738 -9.83 28.14 -32.62
N SER A 739 -9.01 27.82 -33.62
CA SER A 739 -9.52 27.33 -34.88
C SER A 739 -10.47 26.13 -34.67
N MET A 740 -10.18 25.32 -33.65
CA MET A 740 -11.05 24.22 -33.23
C MET A 740 -12.44 24.71 -32.78
N LEU A 741 -12.49 25.81 -32.04
CA LEU A 741 -13.75 26.36 -31.52
C LEU A 741 -14.65 26.98 -32.60
N GLU A 742 -14.07 27.37 -33.73
CA GLU A 742 -14.86 27.86 -34.84
C GLU A 742 -15.75 26.75 -35.42
N LYS A 743 -15.28 25.51 -35.30
CA LYS A 743 -15.97 24.32 -35.82
C LYS A 743 -16.67 23.48 -34.74
N ASN A 744 -15.97 23.19 -33.64
CA ASN A 744 -16.52 22.29 -32.61
C ASN A 744 -17.82 22.85 -31.99
N VAL A 745 -18.82 21.97 -31.91
CA VAL A 745 -20.18 22.35 -31.53
C VAL A 745 -20.64 21.64 -30.26
N ALA A 746 -19.74 20.84 -29.67
CA ALA A 746 -20.06 19.97 -28.53
C ALA A 746 -19.27 20.27 -27.23
N LEU A 747 -18.07 20.83 -27.37
CA LEU A 747 -17.20 21.07 -26.23
C LEU A 747 -17.80 22.13 -25.36
N GLU A 748 -18.00 21.81 -24.09
CA GLU A 748 -18.66 22.73 -23.16
C GLU A 748 -17.68 23.43 -22.21
N GLU A 749 -16.65 22.71 -21.78
CA GLU A 749 -15.65 23.26 -20.89
C GLU A 749 -14.25 22.99 -21.49
N LEU A 750 -13.31 23.90 -21.23
CA LEU A 750 -11.96 23.83 -21.81
C LEU A 750 -10.94 24.44 -20.88
N CYS A 751 -10.16 23.61 -20.20
CA CYS A 751 -9.34 24.08 -19.09
C CYS A 751 -7.90 24.32 -19.52
N LEU A 752 -7.38 25.52 -19.26
CA LEU A 752 -6.06 25.92 -19.75
C LEU A 752 -5.13 26.52 -18.72
N ALA A 753 -5.59 26.68 -17.48
CA ALA A 753 -4.76 27.24 -16.42
C ALA A 753 -3.35 26.65 -16.41
N ALA A 754 -2.37 27.53 -16.17
CA ALA A 754 -0.97 27.16 -15.92
C ALA A 754 -0.16 26.83 -17.17
N ASN A 755 -0.53 27.44 -18.30
CA ASN A 755 0.34 27.40 -19.47
C ASN A 755 1.08 28.71 -19.55
N HIS A 756 1.58 29.06 -20.71
CA HIS A 756 2.13 30.37 -20.95
C HIS A 756 1.48 30.93 -22.22
N LEU A 757 0.21 31.35 -22.12
CA LEU A 757 -0.55 31.72 -23.33
C LEU A 757 -0.31 33.12 -23.89
N GLN A 758 -0.08 34.09 -23.00
CA GLN A 758 0.18 35.47 -23.39
C GLN A 758 -1.08 36.11 -24.00
N ASP A 759 -1.04 37.41 -24.25
CA ASP A 759 -2.17 38.13 -24.86
C ASP A 759 -2.39 37.69 -26.29
N ALA A 760 -1.31 37.37 -26.99
CA ALA A 760 -1.39 36.88 -28.37
C ALA A 760 -2.40 35.72 -28.51
N GLY A 761 -2.24 34.69 -27.67
CA GLY A 761 -3.06 33.48 -27.72
C GLY A 761 -4.51 33.73 -27.37
N VAL A 762 -4.71 34.48 -26.29
CA VAL A 762 -6.05 34.88 -25.89
C VAL A 762 -6.81 35.67 -26.98
N CYS A 763 -6.09 36.37 -27.85
CA CYS A 763 -6.75 37.18 -28.87
C CYS A 763 -7.34 36.33 -29.98
N SER A 764 -6.61 35.29 -30.40
CA SER A 764 -7.15 34.32 -31.36
C SER A 764 -8.17 33.44 -30.67
N LEU A 765 -7.96 33.14 -29.40
CA LEU A 765 -8.98 32.38 -28.67
C LEU A 765 -10.30 33.16 -28.67
N ALA A 766 -10.18 34.47 -28.48
CA ALA A 766 -11.34 35.34 -28.50
C ALA A 766 -11.94 35.42 -29.91
N GLU A 767 -11.10 35.42 -30.95
CA GLU A 767 -11.64 35.33 -32.30
C GLU A 767 -12.47 34.08 -32.48
N GLY A 768 -11.99 32.98 -31.93
CA GLY A 768 -12.71 31.72 -31.94
C GLY A 768 -14.08 31.85 -31.32
N LEU A 769 -14.15 32.41 -30.10
CA LEU A 769 -15.42 32.55 -29.39
C LEU A 769 -16.50 33.21 -30.21
N LYS A 770 -16.10 34.04 -31.16
CA LYS A 770 -17.04 34.78 -31.99
C LYS A 770 -17.60 33.94 -33.13
N ARG A 771 -17.24 32.66 -33.19
CA ARG A 771 -17.93 31.72 -34.08
C ARG A 771 -18.26 30.41 -33.37
N ASN A 772 -18.44 30.50 -32.05
CA ASN A 772 -18.77 29.35 -31.22
C ASN A 772 -20.00 29.69 -30.42
N SER A 773 -21.09 28.96 -30.66
CA SER A 773 -22.33 29.13 -29.87
C SER A 773 -22.61 27.93 -28.94
N SER A 774 -21.56 27.39 -28.32
CA SER A 774 -21.62 26.06 -27.66
C SER A 774 -20.74 25.89 -26.41
N LEU A 775 -19.55 26.46 -26.40
CA LEU A 775 -18.67 26.34 -25.25
C LEU A 775 -19.20 27.16 -24.10
N LYS A 776 -19.20 26.58 -22.91
CA LYS A 776 -19.78 27.23 -21.75
C LYS A 776 -18.74 27.82 -20.84
N VAL A 777 -17.76 27.01 -20.43
CA VAL A 777 -16.68 27.48 -19.53
C VAL A 777 -15.32 27.50 -20.25
N LEU A 778 -14.47 28.46 -19.90
CA LEU A 778 -13.13 28.56 -20.49
C LEU A 778 -12.12 28.99 -19.44
N LYS A 779 -11.42 28.04 -18.84
CA LYS A 779 -10.55 28.38 -17.74
C LYS A 779 -9.20 28.82 -18.29
N LEU A 780 -8.78 30.05 -17.94
CA LEU A 780 -7.53 30.64 -18.45
C LEU A 780 -6.65 31.22 -17.37
N SER A 781 -6.72 30.71 -16.14
CA SER A 781 -5.86 31.20 -15.04
C SER A 781 -4.34 31.04 -15.27
N ASN A 782 -3.54 31.67 -14.40
CA ASN A 782 -2.06 31.64 -14.47
C ASN A 782 -1.48 31.54 -15.89
N ASN A 783 -1.64 32.58 -16.69
CA ASN A 783 -1.25 32.53 -18.09
C ASN A 783 -0.54 33.76 -18.72
N CYS A 784 0.04 34.63 -17.88
CA CYS A 784 0.72 35.83 -18.40
C CYS A 784 -0.16 36.67 -19.33
N ILE A 785 -1.41 36.85 -18.91
CA ILE A 785 -2.36 37.65 -19.65
C ILE A 785 -2.43 39.04 -19.02
N THR A 786 -2.48 40.03 -19.90
CA THR A 786 -2.45 41.44 -19.56
C THR A 786 -3.80 42.01 -19.92
N PHE A 787 -4.13 43.17 -19.37
CA PHE A 787 -5.36 43.89 -19.73
C PHE A 787 -5.66 43.87 -21.24
N VAL A 788 -4.63 43.99 -22.08
CA VAL A 788 -4.80 43.86 -23.54
C VAL A 788 -5.61 42.61 -23.92
N GLY A 789 -5.24 41.47 -23.34
CA GLY A 789 -5.92 40.20 -23.58
C GLY A 789 -7.34 40.27 -23.05
N ALA A 790 -7.48 40.55 -21.76
CA ALA A 790 -8.78 40.69 -21.13
C ALA A 790 -9.76 41.42 -22.04
N GLU A 791 -9.32 42.52 -22.65
CA GLU A 791 -10.18 43.29 -23.52
C GLU A 791 -10.64 42.49 -24.73
N ALA A 792 -9.71 41.86 -25.44
CA ALA A 792 -10.08 40.97 -26.57
C ALA A 792 -11.14 39.93 -26.17
N LEU A 793 -11.01 39.39 -24.96
CA LEU A 793 -12.02 38.48 -24.44
C LEU A 793 -13.34 39.20 -24.24
N LEU A 794 -13.30 40.37 -23.61
CA LEU A 794 -14.51 41.18 -23.38
C LEU A 794 -15.19 41.62 -24.67
N GLN A 795 -14.40 41.96 -25.69
CA GLN A 795 -14.94 42.38 -26.97
C GLN A 795 -15.70 41.23 -27.59
N ALA A 796 -15.11 40.04 -27.51
CA ALA A 796 -15.76 38.82 -27.99
C ALA A 796 -17.00 38.48 -27.17
N LEU A 797 -16.92 38.65 -25.86
CA LEU A 797 -18.08 38.44 -24.98
C LEU A 797 -19.25 39.41 -25.26
N ALA A 798 -18.97 40.53 -25.93
CA ALA A 798 -20.02 41.43 -26.40
C ALA A 798 -21.01 40.72 -27.33
N SER A 799 -20.50 40.03 -28.35
CA SER A 799 -21.37 39.34 -29.33
C SER A 799 -21.71 37.87 -28.98
N ASN A 800 -21.09 37.33 -27.93
CA ASN A 800 -21.33 35.94 -27.50
C ASN A 800 -22.05 35.91 -26.16
N ASP A 801 -23.18 35.22 -26.14
CA ASP A 801 -24.01 35.11 -24.94
C ASP A 801 -24.04 33.69 -24.36
N THR A 802 -23.51 32.69 -25.10
CA THR A 802 -23.55 31.29 -24.64
C THR A 802 -22.53 30.96 -23.53
N ILE A 803 -21.35 31.61 -23.54
CA ILE A 803 -20.35 31.36 -22.48
C ILE A 803 -20.91 31.75 -21.12
N LEU A 804 -20.62 30.95 -20.10
CA LEU A 804 -21.00 31.26 -18.73
C LEU A 804 -19.85 31.80 -17.87
N GLU A 805 -18.64 31.32 -18.10
CA GLU A 805 -17.49 31.73 -17.27
C GLU A 805 -16.21 31.77 -18.07
N VAL A 806 -15.31 32.66 -17.68
CA VAL A 806 -13.96 32.76 -18.23
C VAL A 806 -13.01 33.07 -17.09
N TRP A 807 -12.25 32.07 -16.63
CA TRP A 807 -11.49 32.26 -15.40
C TRP A 807 -10.14 32.95 -15.71
N LEU A 808 -9.81 34.01 -14.99
CA LEU A 808 -8.55 34.71 -15.23
C LEU A 808 -7.64 34.87 -13.99
N ARG A 809 -8.05 34.38 -12.82
CA ARG A 809 -7.31 34.75 -11.61
C ARG A 809 -5.85 34.36 -11.73
N GLY A 810 -5.00 35.07 -10.98
CA GLY A 810 -3.56 34.81 -11.01
C GLY A 810 -2.78 35.45 -12.14
N ASN A 811 -3.47 36.06 -13.11
CA ASN A 811 -2.77 36.70 -14.22
C ASN A 811 -2.22 38.07 -13.81
N PRO A 812 -1.22 38.59 -14.56
CA PRO A 812 -0.60 39.89 -14.26
C PRO A 812 -1.52 41.06 -14.59
N PHE A 813 -2.40 41.34 -13.63
CA PHE A 813 -3.29 42.48 -13.66
C PHE A 813 -2.92 43.42 -12.50
N SER A 814 -2.86 44.72 -12.78
CA SER A 814 -2.62 45.71 -11.74
C SER A 814 -3.86 45.80 -10.89
N PRO A 815 -3.70 46.07 -9.58
CA PRO A 815 -4.89 46.28 -8.76
C PRO A 815 -5.90 47.22 -9.41
N GLU A 816 -5.43 48.28 -10.08
CA GLU A 816 -6.32 49.24 -10.72
C GLU A 816 -7.01 48.65 -11.94
N GLU A 817 -6.29 47.82 -12.70
CA GLU A 817 -6.89 47.03 -13.80
C GLU A 817 -7.98 46.04 -13.35
N MET A 818 -7.81 45.42 -12.19
CA MET A 818 -8.77 44.45 -11.67
C MET A 818 -10.10 45.10 -11.27
N GLU A 819 -10.02 46.25 -10.60
CA GLU A 819 -11.20 47.05 -10.29
C GLU A 819 -12.05 47.20 -11.55
N ALA A 820 -11.42 47.67 -12.63
CA ALA A 820 -12.12 47.93 -13.89
C ALA A 820 -12.89 46.72 -14.41
N LEU A 821 -12.25 45.54 -14.35
CA LEU A 821 -12.77 44.34 -15.00
C LEU A 821 -14.02 43.77 -14.30
N SER A 822 -14.13 43.95 -12.99
CA SER A 822 -15.34 43.55 -12.29
C SER A 822 -16.55 44.29 -12.88
N HIS A 823 -16.40 45.60 -13.07
CA HIS A 823 -17.48 46.45 -13.59
C HIS A 823 -17.85 46.12 -15.02
N ARG A 824 -16.87 45.68 -15.81
CA ARG A 824 -17.06 45.60 -17.25
C ARG A 824 -17.80 44.35 -17.81
N ASP A 825 -17.76 43.23 -17.09
CA ASP A 825 -18.62 42.07 -17.41
C ASP A 825 -18.60 41.09 -16.24
N SER A 826 -19.78 40.57 -15.92
CA SER A 826 -19.97 39.74 -14.75
C SER A 826 -19.25 38.38 -14.83
N ARG A 827 -19.21 37.83 -16.04
CA ARG A 827 -18.73 36.47 -16.29
C ARG A 827 -17.22 36.25 -16.08
N LEU A 828 -16.42 37.32 -16.14
CA LEU A 828 -14.97 37.23 -15.91
C LEU A 828 -14.65 36.89 -14.44
N LEU A 829 -14.39 35.61 -14.15
CA LEU A 829 -14.05 35.22 -12.78
C LEU A 829 -12.59 35.50 -12.45
N LEU A 830 -12.37 36.49 -11.58
CA LEU A 830 -11.03 36.95 -11.16
C LEU A 830 -10.62 36.38 -9.79
PB ADP B . 7.21 -6.29 9.23
O1B ADP B . 8.08 -6.09 10.43
O2B ADP B . 6.59 -5.01 8.72
O3B ADP B . 6.20 -7.41 9.35
PA ADP B . 9.66 -7.42 8.46
O1A ADP B . 10.68 -6.33 8.60
O2A ADP B . 9.43 -8.32 9.66
O3A ADP B . 8.24 -6.74 8.08
O5' ADP B . 10.05 -8.25 7.14
C5' ADP B . 10.26 -9.67 7.22
C4' ADP B . 11.39 -10.10 6.30
O4' ADP B . 11.27 -9.41 5.07
C3' ADP B . 12.77 -9.69 6.81
O3' ADP B . 13.32 -10.63 7.73
C2' ADP B . 13.57 -9.59 5.53
O2' ADP B . 13.92 -10.83 4.91
C1' ADP B . 12.56 -9.02 4.60
N9 ADP B . 12.67 -7.57 4.47
C8 ADP B . 11.82 -6.63 4.91
N7 ADP B . 12.24 -5.38 4.56
C5 ADP B . 13.37 -5.55 3.87
C6 ADP B . 14.31 -4.66 3.20
N6 ADP B . 14.04 -3.34 3.26
N1 ADP B . 15.40 -5.17 2.57
C2 ADP B . 15.59 -6.52 2.57
N3 ADP B . 14.75 -7.40 3.16
C4 ADP B . 13.65 -6.98 3.81
#